data_7LTK
#
_entry.id   7LTK
#
_cell.length_a   92.160
_cell.length_b   98.430
_cell.length_c   139.200
_cell.angle_alpha   90.000
_cell.angle_beta   90.000
_cell.angle_gamma   90.000
#
_symmetry.space_group_name_H-M   'P 21 21 21'
#
loop_
_entity.id
_entity.type
_entity.pdbx_description
1 polymer 'Histone deacetylase 2'
2 non-polymer 'ZINC ION'
3 non-polymer 'CALCIUM ION'
4 non-polymer 'ACETATE ION'
5 non-polymer DI(HYDROXYETHYL)ETHER
6 non-polymer N-{(1S)-1-[5-(2-methoxyquinolin-3-yl)-1H-imidazol-2-yl]pentyl}-1-methylazetidine-3-carboxamide
7 water water
#
_entity_poly.entity_id   1
_entity_poly.type   'polypeptide(L)'
_entity_poly.pdbx_seq_one_letter_code
;MAYSQGGGKKKVCYYYDGDIGNYYYGQGHPMKPHRIRMTHNLLLNYGLYRKMEIYRPHKATAEEMTKYHSDEYIKFLRSI
RPDNMSEYSKQMQRFNVGEDCPVFDGLFEFCQLSTGGSVAGAVKLNRQQTDMAVNWAGGLHHAKKSEASGFCYVNDIVLA
ILELLKYHQRVLYIDIDIHHGDGVEEAFYTTDRVMTVSFHKYGEYFPGTGDLRDIGAGKGKYYAVNFPMRDGIDDESYGQ
IFKPIISKVMEMYQPSAVVLQCGADSLSGDRLGCFNLTVKGHAKCVEVVKTFNLPLLMLGGGGYTIRNVARCWTYETAVA
LDCEIPNELPYNDYFEYFGPDFKLHISPSNMTNQNTPEYMEKIKQRLFENLRMLPH
;
_entity_poly.pdbx_strand_id   A,B,C
#
loop_
_chem_comp.id
_chem_comp.type
_chem_comp.name
_chem_comp.formula
ACT non-polymer 'ACETATE ION' 'C2 H3 O2 -1'
CA non-polymer 'CALCIUM ION' 'Ca 2'
PEG non-polymer DI(HYDROXYETHYL)ETHER 'C4 H10 O3'
YEM non-polymer N-{(1S)-1-[5-(2-methoxyquinolin-3-yl)-1H-imidazol-2-yl]pentyl}-1-methylazetidine-3-carboxamide 'C23 H29 N5 O2'
ZN non-polymer 'ZINC ION' 'Zn 2'
#
# COMPACT_ATOMS: atom_id res chain seq x y z
N GLY A 8 -30.96 -9.16 21.44
CA GLY A 8 -31.25 -8.32 22.59
C GLY A 8 -30.13 -8.36 23.62
N LYS A 9 -30.46 -8.15 24.91
CA LYS A 9 -29.47 -8.19 26.00
C LYS A 9 -29.07 -9.64 26.22
N LYS A 10 -27.81 -9.86 26.61
CA LYS A 10 -27.37 -11.23 26.74
C LYS A 10 -27.03 -11.67 28.16
N LYS A 11 -27.12 -12.98 28.41
CA LYS A 11 -26.77 -13.54 29.70
C LYS A 11 -25.23 -13.61 29.69
N VAL A 12 -24.60 -13.08 30.74
CA VAL A 12 -23.14 -13.04 30.87
C VAL A 12 -22.72 -13.81 32.12
N CYS A 13 -21.77 -14.74 31.99
CA CYS A 13 -21.21 -15.50 33.11
C CYS A 13 -19.76 -15.05 33.18
N TYR A 14 -19.30 -14.70 34.37
CA TYR A 14 -17.97 -14.13 34.58
C TYR A 14 -17.19 -15.00 35.57
N TYR A 15 -15.90 -15.30 35.27
CA TYR A 15 -15.05 -16.18 36.08
C TYR A 15 -13.97 -15.40 36.78
N TYR A 16 -13.82 -15.63 38.08
CA TYR A 16 -12.79 -14.94 38.85
C TYR A 16 -12.45 -15.70 40.11
N ASP A 17 -11.14 -15.83 40.40
CA ASP A 17 -10.72 -16.47 41.67
C ASP A 17 -10.01 -15.40 42.46
N GLY A 18 -10.49 -15.09 43.68
CA GLY A 18 -9.93 -14.07 44.56
C GLY A 18 -8.45 -14.22 44.91
N ASP A 19 -7.87 -15.38 44.63
CA ASP A 19 -6.46 -15.64 44.90
C ASP A 19 -5.55 -15.21 43.72
N ILE A 20 -6.14 -15.02 42.53
CA ILE A 20 -5.36 -14.75 41.32
C ILE A 20 -4.41 -13.56 41.47
N GLY A 21 -4.86 -12.49 42.13
CA GLY A 21 -4.06 -11.28 42.30
C GLY A 21 -2.80 -11.44 43.12
N ASN A 22 -2.66 -12.58 43.85
CA ASN A 22 -1.50 -12.80 44.71
C ASN A 22 -0.31 -13.44 44.02
N TYR A 23 -0.49 -13.97 42.80
CA TYR A 23 0.61 -14.58 42.04
C TYR A 23 1.53 -13.49 41.58
N TYR A 24 2.85 -13.66 41.77
CA TYR A 24 3.83 -12.62 41.49
C TYR A 24 4.95 -13.13 40.63
N TYR A 25 5.12 -12.53 39.45
CA TYR A 25 6.16 -12.99 38.53
C TYR A 25 7.58 -12.62 38.99
N GLY A 26 7.71 -11.65 39.88
CA GLY A 26 9.02 -11.23 40.35
C GLY A 26 9.27 -9.74 40.17
N GLN A 27 10.24 -9.20 40.93
CA GLN A 27 10.60 -7.77 40.89
C GLN A 27 10.89 -7.28 39.46
N GLY A 28 10.22 -6.21 39.07
CA GLY A 28 10.37 -5.61 37.75
C GLY A 28 9.68 -6.32 36.59
N HIS A 29 9.15 -7.56 36.79
CA HIS A 29 8.49 -8.27 35.67
C HIS A 29 7.20 -7.51 35.29
N PRO A 30 6.98 -7.21 33.99
CA PRO A 30 5.79 -6.43 33.62
C PRO A 30 4.44 -7.12 33.81
N MET A 31 4.39 -8.47 33.81
CA MET A 31 3.12 -9.21 33.97
C MET A 31 2.72 -9.20 35.43
N LYS A 32 1.58 -8.54 35.72
CA LYS A 32 1.05 -8.36 37.08
C LYS A 32 -0.35 -8.92 37.28
N PRO A 33 -0.48 -10.18 37.76
CA PRO A 33 -1.82 -10.76 37.99
C PRO A 33 -2.72 -9.90 38.86
N HIS A 34 -2.12 -8.99 39.69
CA HIS A 34 -2.83 -8.03 40.52
C HIS A 34 -3.83 -7.20 39.67
N ARG A 35 -3.50 -6.95 38.35
CA ARG A 35 -4.40 -6.20 37.46
C ARG A 35 -5.80 -6.87 37.35
N ILE A 36 -5.88 -8.23 37.52
N ILE A 36 -5.89 -8.21 37.51
CA ILE A 36 -7.15 -8.98 37.45
CA ILE A 36 -7.17 -8.93 37.43
C ILE A 36 -8.01 -8.62 38.66
C ILE A 36 -8.01 -8.61 38.66
N ARG A 37 -7.36 -8.53 39.83
CA ARG A 37 -8.01 -8.16 41.09
C ARG A 37 -8.46 -6.67 41.01
N MET A 38 -7.62 -5.77 40.42
CA MET A 38 -8.04 -4.36 40.27
C MET A 38 -9.29 -4.28 39.39
N THR A 39 -9.30 -5.05 38.27
CA THR A 39 -10.42 -5.09 37.36
C THR A 39 -11.70 -5.50 38.11
N HIS A 40 -11.59 -6.65 38.83
CA HIS A 40 -12.70 -7.18 39.61
C HIS A 40 -13.25 -6.15 40.61
N ASN A 41 -12.34 -5.53 41.37
CA ASN A 41 -12.73 -4.58 42.39
C ASN A 41 -13.41 -3.34 41.79
N LEU A 42 -12.92 -2.91 40.62
CA LEU A 42 -13.51 -1.78 39.97
C LEU A 42 -14.92 -2.14 39.47
N LEU A 43 -15.10 -3.27 38.78
CA LEU A 43 -16.45 -3.60 38.29
C LEU A 43 -17.44 -3.92 39.45
N LEU A 44 -16.94 -4.44 40.60
CA LEU A 44 -17.80 -4.67 41.78
C LEU A 44 -18.31 -3.31 42.26
N ASN A 45 -17.40 -2.31 42.31
CA ASN A 45 -17.74 -0.97 42.77
C ASN A 45 -18.67 -0.21 41.80
N TYR A 46 -18.73 -0.62 40.52
CA TYR A 46 -19.67 0.00 39.56
C TYR A 46 -21.05 -0.69 39.70
N GLY A 47 -21.11 -1.78 40.47
CA GLY A 47 -22.33 -2.56 40.70
C GLY A 47 -22.66 -3.56 39.61
N LEU A 48 -21.66 -3.89 38.74
CA LEU A 48 -21.87 -4.81 37.61
C LEU A 48 -22.14 -6.27 38.04
N TYR A 49 -21.89 -6.63 39.33
CA TYR A 49 -22.18 -7.98 39.85
C TYR A 49 -23.69 -8.23 39.90
N ARG A 50 -24.49 -7.16 39.93
CA ARG A 50 -25.97 -7.27 39.97
C ARG A 50 -26.53 -7.80 38.66
N LYS A 51 -25.79 -7.61 37.55
CA LYS A 51 -26.24 -7.97 36.20
C LYS A 51 -25.66 -9.25 35.62
N MET A 52 -24.70 -9.88 36.32
CA MET A 52 -24.08 -11.10 35.79
C MET A 52 -23.86 -12.15 36.86
N GLU A 53 -23.71 -13.41 36.42
CA GLU A 53 -23.46 -14.53 37.32
C GLU A 53 -21.96 -14.63 37.47
N ILE A 54 -21.47 -14.58 38.71
CA ILE A 54 -20.05 -14.66 39.01
C ILE A 54 -19.73 -16.06 39.52
N TYR A 55 -18.77 -16.72 38.87
CA TYR A 55 -18.32 -18.07 39.17
C TYR A 55 -16.87 -18.09 39.53
N ARG A 56 -16.47 -19.01 40.43
CA ARG A 56 -15.06 -19.16 40.76
C ARG A 56 -14.60 -20.35 39.90
N PRO A 57 -13.57 -20.19 39.04
CA PRO A 57 -13.15 -21.33 38.21
C PRO A 57 -12.60 -22.48 39.04
N HIS A 58 -12.65 -23.70 38.52
CA HIS A 58 -12.03 -24.83 39.17
C HIS A 58 -10.55 -24.76 38.72
N LYS A 59 -9.68 -25.47 39.43
CA LYS A 59 -8.28 -25.57 39.05
C LYS A 59 -8.17 -26.65 37.97
N ALA A 60 -7.96 -26.26 36.69
CA ALA A 60 -7.83 -27.23 35.59
C ALA A 60 -6.75 -28.29 35.92
N THR A 61 -7.05 -29.56 35.64
CA THR A 61 -6.11 -30.64 35.97
C THR A 61 -5.05 -30.77 34.88
N ALA A 62 -3.95 -31.46 35.21
CA ALA A 62 -2.85 -31.74 34.27
C ALA A 62 -3.43 -32.44 33.04
N GLU A 63 -4.43 -33.30 33.26
CA GLU A 63 -5.19 -34.06 32.28
C GLU A 63 -5.97 -33.14 31.33
N GLU A 64 -6.66 -32.10 31.85
CA GLU A 64 -7.39 -31.16 30.99
C GLU A 64 -6.33 -30.45 30.11
N MET A 65 -5.18 -30.09 30.68
CA MET A 65 -4.12 -29.37 29.95
C MET A 65 -3.45 -30.20 28.84
N THR A 66 -3.35 -31.52 29.05
CA THR A 66 -2.73 -32.40 28.06
C THR A 66 -3.67 -32.71 26.89
N LYS A 67 -4.84 -32.04 26.82
CA LYS A 67 -5.72 -32.15 25.66
C LYS A 67 -4.97 -31.43 24.50
N TYR A 68 -3.99 -30.57 24.87
CA TYR A 68 -3.14 -29.84 23.93
C TYR A 68 -1.65 -29.97 24.24
N HIS A 69 -1.24 -29.60 25.46
CA HIS A 69 0.16 -29.62 25.81
C HIS A 69 0.73 -31.03 25.96
N SER A 70 2.05 -31.21 25.75
CA SER A 70 2.64 -32.52 25.90
C SER A 70 2.66 -32.92 27.38
N ASP A 71 2.61 -34.23 27.64
CA ASP A 71 2.69 -34.76 29.00
C ASP A 71 3.95 -34.31 29.69
N GLU A 72 5.11 -34.30 28.97
CA GLU A 72 6.40 -33.89 29.54
C GLU A 72 6.43 -32.45 29.99
N TYR A 73 5.84 -31.54 29.20
CA TYR A 73 5.83 -30.12 29.55
C TYR A 73 4.92 -29.88 30.77
N ILE A 74 3.74 -30.50 30.78
CA ILE A 74 2.79 -30.33 31.91
C ILE A 74 3.41 -30.93 33.19
N LYS A 75 4.09 -32.10 33.08
CA LYS A 75 4.76 -32.73 34.24
C LYS A 75 5.81 -31.77 34.83
N PHE A 76 6.58 -31.10 33.95
CA PHE A 76 7.58 -30.11 34.35
C PHE A 76 6.89 -28.93 35.07
N LEU A 77 5.82 -28.36 34.47
CA LEU A 77 5.14 -27.22 35.11
C LEU A 77 4.64 -27.56 36.53
N ARG A 78 4.12 -28.77 36.71
CA ARG A 78 3.59 -29.30 37.99
C ARG A 78 4.70 -29.50 39.02
N SER A 79 5.95 -29.75 38.57
CA SER A 79 7.11 -30.07 39.43
C SER A 79 8.03 -28.91 39.79
N ILE A 80 8.28 -27.99 38.85
CA ILE A 80 9.22 -26.89 39.02
C ILE A 80 8.78 -25.88 40.09
N ARG A 81 9.73 -25.52 40.97
CA ARG A 81 9.51 -24.58 42.07
C ARG A 81 10.78 -23.75 42.27
N PRO A 82 10.71 -22.53 42.87
CA PRO A 82 11.95 -21.76 43.11
C PRO A 82 13.02 -22.49 43.95
N ASP A 83 12.61 -23.46 44.80
CA ASP A 83 13.51 -24.23 45.68
C ASP A 83 14.19 -25.43 45.00
N ASN A 84 13.67 -25.91 43.85
CA ASN A 84 14.27 -27.04 43.14
C ASN A 84 14.77 -26.67 41.73
N MET A 85 14.77 -25.36 41.39
CA MET A 85 15.21 -24.78 40.10
C MET A 85 16.57 -25.28 39.68
N SER A 86 17.54 -25.28 40.62
CA SER A 86 18.94 -25.69 40.42
C SER A 86 19.09 -27.12 39.90
N GLU A 87 18.07 -27.97 40.15
CA GLU A 87 18.03 -29.37 39.71
C GLU A 87 17.38 -29.54 38.32
N TYR A 88 16.73 -28.48 37.80
CA TYR A 88 16.02 -28.51 36.52
C TYR A 88 16.62 -27.57 35.43
N SER A 89 17.91 -27.22 35.54
CA SER A 89 18.63 -26.34 34.62
C SER A 89 18.41 -26.68 33.14
N LYS A 90 18.53 -27.97 32.78
CA LYS A 90 18.33 -28.46 31.41
C LYS A 90 16.86 -28.39 30.96
N GLN A 91 15.93 -28.80 31.85
CA GLN A 91 14.50 -28.80 31.55
C GLN A 91 13.94 -27.38 31.36
N MET A 92 14.41 -26.42 32.18
CA MET A 92 14.03 -25.02 32.09
C MET A 92 14.36 -24.44 30.71
N GLN A 93 15.55 -24.75 30.18
CA GLN A 93 15.98 -24.29 28.87
C GLN A 93 15.11 -24.85 27.79
N ARG A 94 14.89 -26.18 27.83
CA ARG A 94 14.08 -26.94 26.88
C ARG A 94 12.64 -26.40 26.76
N PHE A 95 12.04 -26.04 27.92
CA PHE A 95 10.64 -25.57 27.98
C PHE A 95 10.50 -24.06 27.97
N ASN A 96 11.63 -23.35 27.81
CA ASN A 96 11.71 -21.89 27.74
C ASN A 96 11.21 -21.22 29.02
N VAL A 97 11.53 -21.82 30.15
CA VAL A 97 11.17 -21.23 31.43
C VAL A 97 12.46 -20.59 31.94
N GLY A 98 12.41 -19.27 32.11
CA GLY A 98 13.54 -18.45 32.51
C GLY A 98 13.19 -17.00 32.70
N GLU A 99 13.87 -16.07 32.00
CA GLU A 99 13.62 -14.64 32.16
C GLU A 99 12.19 -14.21 31.90
N ASP A 100 11.69 -14.35 30.66
CA ASP A 100 10.32 -13.94 30.31
C ASP A 100 9.26 -14.71 31.03
N CYS A 101 9.48 -16.01 31.18
CA CYS A 101 8.54 -16.94 31.78
C CYS A 101 9.21 -17.53 33.03
N PRO A 102 9.29 -16.73 34.11
CA PRO A 102 10.00 -17.19 35.31
C PRO A 102 9.30 -18.28 36.11
N VAL A 103 10.09 -18.91 37.00
CA VAL A 103 9.58 -19.88 37.93
C VAL A 103 9.20 -19.02 39.14
N PHE A 104 7.94 -19.08 39.57
CA PHE A 104 7.49 -18.31 40.72
C PHE A 104 6.64 -19.21 41.62
N ASP A 105 6.53 -18.85 42.91
CA ASP A 105 5.72 -19.63 43.87
C ASP A 105 4.28 -19.72 43.36
N GLY A 106 3.75 -20.93 43.25
CA GLY A 106 2.38 -21.17 42.82
C GLY A 106 2.14 -21.06 41.32
N LEU A 107 3.23 -21.09 40.52
CA LEU A 107 3.15 -21.02 39.06
C LEU A 107 2.10 -22.00 38.50
N PHE A 108 2.18 -23.30 38.88
CA PHE A 108 1.21 -24.26 38.35
C PHE A 108 -0.23 -23.89 38.72
N GLU A 109 -0.47 -23.48 39.97
CA GLU A 109 -1.82 -23.10 40.40
C GLU A 109 -2.34 -21.89 39.61
N PHE A 110 -1.46 -20.91 39.32
CA PHE A 110 -1.84 -19.75 38.52
C PHE A 110 -2.30 -20.25 37.14
N CYS A 111 -1.55 -21.20 36.52
CA CYS A 111 -1.95 -21.77 35.22
C CYS A 111 -3.29 -22.48 35.34
N GLN A 112 -3.48 -23.25 36.44
CA GLN A 112 -4.75 -23.97 36.61
C GLN A 112 -5.96 -23.06 36.72
N LEU A 113 -5.80 -21.90 37.36
CA LEU A 113 -6.91 -20.94 37.54
C LEU A 113 -7.18 -20.18 36.25
N SER A 114 -6.10 -19.72 35.58
CA SER A 114 -6.23 -19.03 34.30
C SER A 114 -6.97 -19.97 33.32
N THR A 115 -6.51 -21.24 33.22
CA THR A 115 -7.11 -22.25 32.32
C THR A 115 -8.53 -22.63 32.76
N GLY A 116 -8.72 -22.88 34.06
CA GLY A 116 -10.06 -23.26 34.54
C GLY A 116 -11.18 -22.32 34.13
N GLY A 117 -10.93 -21.00 34.19
CA GLY A 117 -11.94 -20.02 33.79
C GLY A 117 -12.31 -20.13 32.32
N SER A 118 -11.31 -20.31 31.45
CA SER A 118 -11.57 -20.40 30.01
C SER A 118 -12.30 -21.67 29.60
N VAL A 119 -11.87 -22.80 30.15
N VAL A 119 -11.87 -22.82 30.14
CA VAL A 119 -12.49 -24.09 29.86
CA VAL A 119 -12.52 -24.10 29.81
C VAL A 119 -13.91 -24.13 30.43
C VAL A 119 -13.92 -24.18 30.44
N ALA A 120 -14.11 -23.64 31.68
CA ALA A 120 -15.43 -23.62 32.34
C ALA A 120 -16.37 -22.70 31.51
N GLY A 121 -15.85 -21.58 31.00
CA GLY A 121 -16.64 -20.68 30.17
C GLY A 121 -17.08 -21.36 28.89
N ALA A 122 -16.17 -22.14 28.25
CA ALA A 122 -16.49 -22.87 27.03
C ALA A 122 -17.58 -23.92 27.31
N VAL A 123 -17.45 -24.66 28.44
CA VAL A 123 -18.47 -25.66 28.82
C VAL A 123 -19.85 -24.98 28.96
N LYS A 124 -19.92 -23.83 29.63
CA LYS A 124 -21.16 -23.10 29.85
C LYS A 124 -21.78 -22.69 28.51
N LEU A 125 -20.95 -22.24 27.56
CA LEU A 125 -21.44 -21.88 26.24
C LEU A 125 -21.94 -23.11 25.48
N ASN A 126 -21.20 -24.24 25.53
CA ASN A 126 -21.58 -25.50 24.86
C ASN A 126 -22.94 -26.00 25.37
N ARG A 127 -23.18 -25.81 26.67
CA ARG A 127 -24.42 -26.23 27.31
C ARG A 127 -25.58 -25.28 27.05
N GLN A 128 -25.32 -24.15 26.35
CA GLN A 128 -26.30 -23.11 26.04
C GLN A 128 -26.90 -22.51 27.31
N GLN A 129 -26.06 -22.42 28.37
CA GLN A 129 -26.47 -21.86 29.64
C GLN A 129 -26.10 -20.39 29.78
N THR A 130 -25.38 -19.85 28.78
CA THR A 130 -25.02 -18.44 28.76
C THR A 130 -24.81 -18.01 27.33
N ASP A 131 -24.89 -16.70 27.08
CA ASP A 131 -24.64 -16.15 25.75
C ASP A 131 -23.16 -15.71 25.66
N MET A 132 -22.61 -15.23 26.78
CA MET A 132 -21.24 -14.76 26.88
C MET A 132 -20.59 -15.28 28.15
N ALA A 133 -19.31 -15.62 28.06
CA ALA A 133 -18.54 -16.08 29.22
C ALA A 133 -17.30 -15.20 29.21
N VAL A 134 -16.92 -14.67 30.37
CA VAL A 134 -15.78 -13.77 30.48
C VAL A 134 -14.75 -14.36 31.45
N ASN A 135 -13.45 -14.38 31.02
CA ASN A 135 -12.39 -14.83 31.90
C ASN A 135 -11.22 -13.89 31.71
N TRP A 136 -11.13 -12.82 32.51
CA TRP A 136 -10.04 -11.87 32.31
C TRP A 136 -8.65 -12.44 32.67
N ALA A 137 -8.60 -13.53 33.47
CA ALA A 137 -7.31 -14.16 33.80
C ALA A 137 -6.78 -15.05 32.65
N GLY A 138 -7.58 -15.24 31.61
CA GLY A 138 -7.21 -16.07 30.47
C GLY A 138 -6.64 -15.25 29.31
N GLY A 139 -6.60 -15.84 28.13
CA GLY A 139 -6.09 -15.18 26.94
C GLY A 139 -4.58 -15.23 26.78
N LEU A 140 -3.91 -16.24 27.35
CA LEU A 140 -2.44 -16.35 27.32
C LEU A 140 -2.00 -17.03 26.03
N HIS A 141 -2.18 -16.28 24.95
CA HIS A 141 -2.05 -16.73 23.56
C HIS A 141 -0.66 -17.17 23.07
N HIS A 142 0.42 -16.87 23.79
CA HIS A 142 1.79 -17.23 23.32
C HIS A 142 2.25 -18.64 23.68
N ALA A 143 1.60 -19.29 24.68
CA ALA A 143 2.06 -20.63 25.07
C ALA A 143 1.92 -21.66 23.96
N LYS A 144 2.97 -22.50 23.83
CA LYS A 144 3.04 -23.54 22.79
C LYS A 144 2.82 -24.90 23.36
N LYS A 145 2.68 -25.90 22.48
CA LYS A 145 2.44 -27.29 22.89
C LYS A 145 3.45 -27.76 23.97
N SER A 146 4.76 -27.52 23.77
CA SER A 146 5.76 -27.95 24.75
C SER A 146 6.70 -26.83 25.16
N GLU A 147 6.19 -25.59 25.20
CA GLU A 147 7.04 -24.48 25.55
C GLU A 147 6.26 -23.28 26.08
N ALA A 148 6.80 -22.60 27.11
CA ALA A 148 6.23 -21.36 27.61
C ALA A 148 6.77 -20.28 26.67
N SER A 149 6.08 -19.15 26.62
CA SER A 149 6.52 -18.03 25.77
C SER A 149 5.77 -16.78 26.14
N GLY A 150 6.48 -15.64 26.09
CA GLY A 150 5.90 -14.32 26.28
C GLY A 150 4.94 -14.17 27.46
N PHE A 151 5.41 -14.66 28.62
CA PHE A 151 4.75 -14.59 29.94
C PHE A 151 3.60 -15.60 30.09
N CYS A 152 3.37 -16.43 29.06
CA CYS A 152 2.30 -17.45 28.99
C CYS A 152 2.89 -18.84 29.17
N TYR A 153 2.24 -19.70 29.97
CA TYR A 153 2.73 -21.07 30.19
C TYR A 153 1.77 -22.11 29.65
N VAL A 154 0.46 -21.95 29.89
CA VAL A 154 -0.54 -22.90 29.42
C VAL A 154 -1.47 -22.11 28.51
N ASN A 155 -1.73 -22.65 27.31
CA ASN A 155 -2.57 -21.94 26.34
C ASN A 155 -4.03 -22.23 26.64
N ASP A 156 -4.62 -21.43 27.57
CA ASP A 156 -6.04 -21.59 27.96
C ASP A 156 -6.98 -21.41 26.76
N ILE A 157 -6.57 -20.60 25.77
CA ILE A 157 -7.37 -20.33 24.58
C ILE A 157 -7.50 -21.59 23.75
N VAL A 158 -6.36 -22.24 23.44
CA VAL A 158 -6.39 -23.47 22.66
C VAL A 158 -7.28 -24.51 23.39
N LEU A 159 -7.10 -24.63 24.70
CA LEU A 159 -7.91 -25.59 25.47
C LEU A 159 -9.40 -25.28 25.41
N ALA A 160 -9.77 -23.99 25.54
CA ALA A 160 -11.17 -23.56 25.47
C ALA A 160 -11.74 -23.82 24.07
N ILE A 161 -10.92 -23.58 23.02
CA ILE A 161 -11.38 -23.83 21.64
C ILE A 161 -11.63 -25.32 21.41
N LEU A 162 -10.71 -26.17 21.87
CA LEU A 162 -10.87 -27.62 21.78
C LEU A 162 -12.19 -28.04 22.44
N GLU A 163 -12.55 -27.39 23.58
CA GLU A 163 -13.82 -27.68 24.27
C GLU A 163 -14.98 -27.25 23.36
N LEU A 164 -14.93 -26.02 22.78
CA LEU A 164 -15.96 -25.56 21.87
C LEU A 164 -16.14 -26.47 20.65
N LEU A 165 -15.04 -27.02 20.11
CA LEU A 165 -15.08 -27.91 18.94
C LEU A 165 -15.88 -29.21 19.20
N LYS A 166 -16.13 -29.56 20.49
CA LYS A 166 -16.95 -30.75 20.77
C LYS A 166 -18.39 -30.55 20.25
N TYR A 167 -18.87 -29.29 20.21
CA TYR A 167 -20.24 -28.93 19.80
C TYR A 167 -20.35 -27.96 18.63
N HIS A 168 -19.21 -27.35 18.23
CA HIS A 168 -19.20 -26.37 17.15
C HIS A 168 -18.32 -26.82 16.01
N GLN A 169 -18.90 -26.88 14.78
CA GLN A 169 -18.14 -27.31 13.61
C GLN A 169 -17.02 -26.30 13.27
N ARG A 170 -17.35 -25.00 13.40
CA ARG A 170 -16.44 -23.89 13.08
C ARG A 170 -16.42 -22.89 14.22
N VAL A 171 -15.21 -22.57 14.68
CA VAL A 171 -15.00 -21.61 15.75
C VAL A 171 -14.10 -20.49 15.21
N LEU A 172 -14.49 -19.24 15.48
CA LEU A 172 -13.70 -18.08 15.06
C LEU A 172 -12.93 -17.52 16.28
N TYR A 173 -11.61 -17.37 16.12
CA TYR A 173 -10.75 -16.79 17.16
C TYR A 173 -10.30 -15.38 16.68
N ILE A 174 -10.51 -14.33 17.50
CA ILE A 174 -10.13 -12.94 17.16
C ILE A 174 -9.21 -12.43 18.25
N ASP A 175 -8.08 -11.85 17.86
CA ASP A 175 -7.07 -11.44 18.83
C ASP A 175 -6.69 -9.96 18.66
N ILE A 176 -7.12 -9.09 19.61
CA ILE A 176 -6.86 -7.65 19.54
C ILE A 176 -5.68 -7.23 20.47
N ASP A 177 -4.98 -8.21 21.07
CA ASP A 177 -3.75 -7.96 21.85
C ASP A 177 -2.74 -7.30 20.86
N ILE A 178 -1.84 -6.41 21.31
CA ILE A 178 -0.85 -5.82 20.38
C ILE A 178 0.07 -6.87 19.75
N HIS A 179 0.26 -8.04 20.43
CA HIS A 179 1.14 -9.10 19.96
C HIS A 179 0.39 -10.08 19.10
N HIS A 180 1.12 -10.66 18.12
CA HIS A 180 0.54 -11.70 17.28
C HIS A 180 0.12 -12.90 18.15
N GLY A 181 -1.09 -13.43 17.89
CA GLY A 181 -1.59 -14.60 18.62
C GLY A 181 -0.99 -15.87 18.05
N ASP A 182 0.34 -16.02 18.18
CA ASP A 182 1.09 -17.11 17.58
C ASP A 182 0.77 -18.48 18.11
N GLY A 183 0.62 -18.64 19.42
CA GLY A 183 0.34 -19.99 19.94
C GLY A 183 -1.00 -20.54 19.47
N VAL A 184 -2.01 -19.68 19.39
CA VAL A 184 -3.34 -20.10 18.93
C VAL A 184 -3.29 -20.41 17.41
N GLU A 185 -2.67 -19.50 16.63
CA GLU A 185 -2.59 -19.71 15.18
C GLU A 185 -1.84 -21.01 14.90
N GLU A 186 -0.72 -21.26 15.59
CA GLU A 186 0.08 -22.49 15.39
C GLU A 186 -0.73 -23.76 15.67
N ALA A 187 -1.46 -23.80 16.82
CA ALA A 187 -2.26 -24.98 17.16
C ALA A 187 -3.25 -25.36 16.07
N PHE A 188 -3.86 -24.36 15.42
CA PHE A 188 -4.91 -24.59 14.42
C PHE A 188 -4.53 -24.26 12.97
N TYR A 189 -3.21 -24.14 12.72
CA TYR A 189 -2.70 -23.73 11.40
C TYR A 189 -3.12 -24.62 10.24
N THR A 190 -3.27 -25.94 10.50
CA THR A 190 -3.60 -26.88 9.42
C THR A 190 -5.06 -27.36 9.45
N THR A 191 -5.95 -26.63 10.15
CA THR A 191 -7.36 -27.02 10.15
C THR A 191 -8.27 -25.86 9.74
N ASP A 192 -9.41 -26.21 9.13
CA ASP A 192 -10.41 -25.24 8.73
C ASP A 192 -11.51 -25.14 9.79
N ARG A 193 -11.38 -25.91 10.89
CA ARG A 193 -12.38 -25.90 11.97
C ARG A 193 -12.21 -24.73 12.92
N VAL A 194 -11.08 -24.02 12.80
CA VAL A 194 -10.84 -22.82 13.59
C VAL A 194 -10.21 -21.82 12.65
N MET A 195 -10.81 -20.64 12.54
CA MET A 195 -10.20 -19.57 11.75
C MET A 195 -9.61 -18.63 12.79
N THR A 196 -8.31 -18.30 12.64
CA THR A 196 -7.69 -17.39 13.62
C THR A 196 -7.47 -16.03 12.93
N VAL A 197 -7.86 -14.93 13.58
CA VAL A 197 -7.70 -13.57 13.05
C VAL A 197 -6.97 -12.74 14.06
N SER A 198 -5.73 -12.33 13.73
CA SER A 198 -4.94 -11.52 14.66
C SER A 198 -4.56 -10.17 14.06
N PHE A 199 -4.81 -9.10 14.83
CA PHE A 199 -4.43 -7.71 14.50
C PHE A 199 -3.26 -7.45 15.47
N HIS A 200 -2.09 -6.96 14.96
CA HIS A 200 -0.95 -6.82 15.86
C HIS A 200 0.14 -5.96 15.26
N LYS A 201 1.02 -5.43 16.12
CA LYS A 201 2.20 -4.67 15.67
C LYS A 201 3.12 -5.73 15.04
N TYR A 202 3.70 -5.40 13.87
CA TYR A 202 4.55 -6.34 13.18
C TYR A 202 5.77 -5.55 12.67
N GLY A 203 6.95 -6.09 12.92
CA GLY A 203 8.22 -5.48 12.51
C GLY A 203 9.08 -5.14 13.72
N GLU A 204 10.20 -5.86 13.89
CA GLU A 204 11.15 -5.70 15.02
C GLU A 204 10.33 -5.72 16.33
N TYR A 205 9.44 -6.72 16.46
CA TYR A 205 8.56 -6.76 17.63
C TYR A 205 8.19 -8.20 17.96
N PHE A 206 8.11 -8.49 19.24
CA PHE A 206 7.80 -9.83 19.71
C PHE A 206 6.39 -10.26 19.24
N PRO A 207 6.14 -11.52 18.88
CA PRO A 207 7.08 -12.66 18.79
C PRO A 207 7.81 -12.81 17.45
N GLY A 208 7.59 -11.88 16.51
CA GLY A 208 8.25 -11.91 15.21
C GLY A 208 7.48 -12.60 14.09
N THR A 209 6.30 -13.12 14.38
CA THR A 209 5.42 -13.81 13.44
C THR A 209 4.18 -12.97 13.15
N GLY A 210 3.34 -13.45 12.24
CA GLY A 210 2.12 -12.73 11.93
C GLY A 210 2.22 -11.86 10.70
N ASP A 211 3.02 -12.30 9.71
CA ASP A 211 3.12 -11.55 8.44
C ASP A 211 1.75 -11.78 7.74
N LEU A 212 1.24 -10.81 6.96
CA LEU A 212 -0.06 -11.05 6.29
C LEU A 212 0.01 -12.19 5.28
N ARG A 213 1.25 -12.60 4.88
CA ARG A 213 1.44 -13.71 3.96
C ARG A 213 1.31 -15.06 4.68
N ASP A 214 1.19 -15.06 6.04
CA ASP A 214 0.98 -16.32 6.78
C ASP A 214 -0.55 -16.53 6.79
N ILE A 215 -1.01 -17.49 5.97
CA ILE A 215 -2.43 -17.73 5.75
C ILE A 215 -2.90 -19.14 6.11
N GLY A 216 -2.05 -19.96 6.71
CA GLY A 216 -2.45 -21.32 7.03
C GLY A 216 -1.81 -22.29 6.06
N ALA A 217 -1.96 -23.59 6.34
CA ALA A 217 -1.37 -24.64 5.50
C ALA A 217 -2.31 -25.86 5.41
N GLY A 218 -2.24 -26.60 4.30
CA GLY A 218 -3.07 -27.78 4.06
C GLY A 218 -4.55 -27.43 4.09
N LYS A 219 -5.37 -28.19 4.89
CA LYS A 219 -6.82 -27.94 5.03
C LYS A 219 -7.07 -26.54 5.64
N GLY A 220 -6.09 -26.04 6.39
CA GLY A 220 -6.13 -24.73 7.03
C GLY A 220 -5.72 -23.56 6.15
N LYS A 221 -5.33 -23.82 4.88
CA LYS A 221 -4.94 -22.71 3.99
C LYS A 221 -6.13 -21.76 3.80
N TYR A 222 -5.92 -20.45 4.06
CA TYR A 222 -6.90 -19.35 4.04
C TYR A 222 -7.70 -19.23 5.38
N TYR A 223 -7.36 -20.08 6.36
CA TYR A 223 -8.05 -20.06 7.66
C TYR A 223 -7.21 -19.41 8.77
N ALA A 224 -6.11 -18.71 8.40
CA ALA A 224 -5.33 -17.93 9.36
C ALA A 224 -5.28 -16.55 8.68
N VAL A 225 -5.61 -15.50 9.42
CA VAL A 225 -5.68 -14.12 8.92
C VAL A 225 -4.83 -13.27 9.82
N ASN A 226 -3.91 -12.51 9.21
CA ASN A 226 -3.01 -11.65 9.98
C ASN A 226 -3.03 -10.25 9.44
N PHE A 227 -3.26 -9.26 10.32
CA PHE A 227 -3.27 -7.86 9.94
C PHE A 227 -2.08 -7.19 10.64
N PRO A 228 -0.92 -7.08 9.93
CA PRO A 228 0.28 -6.44 10.52
C PRO A 228 0.13 -4.92 10.54
N MET A 229 0.46 -4.32 11.69
CA MET A 229 0.35 -2.86 11.88
C MET A 229 1.67 -2.26 12.36
N ARG A 230 1.80 -0.93 12.22
CA ARG A 230 2.96 -0.17 12.68
C ARG A 230 2.59 0.57 13.95
N ASP A 231 3.58 1.25 14.57
CA ASP A 231 3.34 2.04 15.79
C ASP A 231 2.27 3.10 15.60
N GLY A 232 1.60 3.42 16.71
CA GLY A 232 0.68 4.54 16.76
C GLY A 232 -0.72 4.47 16.25
N ILE A 233 -1.21 3.24 15.94
CA ILE A 233 -2.59 3.11 15.47
C ILE A 233 -3.57 3.76 16.48
N ASP A 234 -4.57 4.47 15.97
CA ASP A 234 -5.57 5.17 16.78
C ASP A 234 -6.96 4.59 16.59
N ASP A 235 -7.97 5.09 17.35
CA ASP A 235 -9.33 4.58 17.30
C ASP A 235 -9.93 4.62 15.92
N GLU A 236 -9.77 5.76 15.25
CA GLU A 236 -10.30 5.98 13.91
C GLU A 236 -9.75 4.94 12.91
N SER A 237 -8.44 4.77 12.84
CA SER A 237 -7.76 3.83 11.93
C SER A 237 -8.15 2.37 12.23
N TYR A 238 -8.16 2.01 13.53
CA TYR A 238 -8.51 0.63 13.93
C TYR A 238 -9.98 0.32 13.60
N GLY A 239 -10.88 1.22 13.96
CA GLY A 239 -12.32 1.05 13.76
C GLY A 239 -12.77 0.87 12.32
N GLN A 240 -12.07 1.55 11.41
CA GLN A 240 -12.37 1.53 9.97
C GLN A 240 -11.86 0.25 9.27
N ILE A 241 -11.09 -0.55 9.97
CA ILE A 241 -10.58 -1.79 9.44
C ILE A 241 -11.17 -3.02 10.18
N PHE A 242 -11.45 -2.89 11.48
CA PHE A 242 -11.94 -4.03 12.24
C PHE A 242 -13.35 -4.50 11.81
N LYS A 243 -14.34 -3.60 11.83
CA LYS A 243 -15.72 -3.98 11.46
C LYS A 243 -15.75 -4.57 10.02
N PRO A 244 -15.14 -3.93 8.99
CA PRO A 244 -15.14 -4.58 7.64
C PRO A 244 -14.49 -5.97 7.59
N ILE A 245 -13.33 -6.17 8.25
CA ILE A 245 -12.66 -7.48 8.25
C ILE A 245 -13.52 -8.53 8.95
N ILE A 246 -13.99 -8.22 10.17
CA ILE A 246 -14.81 -9.17 10.94
C ILE A 246 -16.12 -9.46 10.21
N SER A 247 -16.75 -8.43 9.61
CA SER A 247 -17.99 -8.67 8.84
C SER A 247 -17.75 -9.65 7.69
N LYS A 248 -16.63 -9.48 6.96
CA LYS A 248 -16.31 -10.37 5.84
C LYS A 248 -16.01 -11.76 6.32
N VAL A 249 -15.28 -11.86 7.44
CA VAL A 249 -14.93 -13.15 7.99
C VAL A 249 -16.23 -13.86 8.42
N MET A 250 -17.14 -13.14 9.09
CA MET A 250 -18.42 -13.73 9.52
C MET A 250 -19.22 -14.23 8.29
N GLU A 251 -19.24 -13.41 7.24
CA GLU A 251 -19.96 -13.74 5.99
C GLU A 251 -19.42 -15.00 5.32
N MET A 252 -18.09 -15.09 5.15
CA MET A 252 -17.45 -16.20 4.47
C MET A 252 -17.32 -17.47 5.30
N TYR A 253 -16.87 -17.35 6.55
CA TYR A 253 -16.62 -18.46 7.46
C TYR A 253 -17.85 -19.01 8.20
N GLN A 254 -18.85 -18.16 8.50
CA GLN A 254 -20.09 -18.59 9.17
C GLN A 254 -19.80 -19.43 10.46
N PRO A 255 -19.02 -18.89 11.42
CA PRO A 255 -18.71 -19.68 12.63
C PRO A 255 -19.96 -19.84 13.51
N SER A 256 -19.98 -20.87 14.40
CA SER A 256 -21.13 -20.98 15.30
C SER A 256 -20.73 -20.54 16.73
N ALA A 257 -19.44 -20.20 16.94
CA ALA A 257 -18.95 -19.72 18.26
C ALA A 257 -17.74 -18.86 18.01
N VAL A 258 -17.51 -17.90 18.91
CA VAL A 258 -16.40 -16.96 18.81
C VAL A 258 -15.64 -16.84 20.13
N VAL A 259 -14.32 -16.69 20.03
CA VAL A 259 -13.42 -16.47 21.18
C VAL A 259 -12.71 -15.17 20.84
N LEU A 260 -12.87 -14.18 21.72
CA LEU A 260 -12.27 -12.88 21.51
C LEU A 260 -11.24 -12.62 22.61
N GLN A 261 -9.96 -12.55 22.21
CA GLN A 261 -8.84 -12.25 23.13
C GLN A 261 -8.73 -10.72 23.15
N CYS A 262 -8.96 -10.13 24.36
CA CYS A 262 -9.00 -8.67 24.55
C CYS A 262 -7.77 -8.08 25.20
N GLY A 263 -6.60 -8.59 24.84
CA GLY A 263 -5.34 -8.08 25.37
C GLY A 263 -5.32 -6.56 25.34
N ALA A 264 -5.11 -5.94 26.51
CA ALA A 264 -5.18 -4.49 26.72
C ALA A 264 -3.84 -3.75 26.46
N ASP A 265 -2.83 -4.50 25.97
CA ASP A 265 -1.51 -3.89 25.66
C ASP A 265 -1.56 -3.08 24.35
N SER A 266 -2.72 -3.11 23.65
CA SER A 266 -2.97 -2.32 22.44
C SER A 266 -3.46 -0.90 22.81
N LEU A 267 -3.58 -0.60 24.12
CA LEU A 267 -4.00 0.73 24.57
C LEU A 267 -2.85 1.69 24.57
N SER A 268 -3.20 2.97 24.37
CA SER A 268 -2.29 4.10 24.47
C SER A 268 -1.66 4.06 25.86
N GLY A 269 -0.37 4.33 25.95
CA GLY A 269 0.31 4.37 27.24
C GLY A 269 0.71 3.05 27.84
N ASP A 270 0.57 1.95 27.08
CA ASP A 270 0.99 0.65 27.61
C ASP A 270 2.53 0.65 27.79
N ARG A 271 3.00 0.05 28.88
CA ARG A 271 4.42 -0.04 29.21
C ARG A 271 5.25 -0.74 28.11
N LEU A 272 4.67 -1.77 27.46
CA LEU A 272 5.34 -2.55 26.42
C LEU A 272 4.81 -2.27 25.02
N GLY A 273 3.59 -1.77 24.94
CA GLY A 273 2.93 -1.51 23.66
C GLY A 273 3.22 -0.16 23.06
N CYS A 274 3.07 -0.05 21.74
CA CYS A 274 3.34 1.15 20.95
C CYS A 274 2.11 1.62 20.13
N PHE A 275 0.90 1.17 20.52
CA PHE A 275 -0.34 1.59 19.89
C PHE A 275 -0.92 2.80 20.62
N ASN A 276 -1.98 3.38 20.07
CA ASN A 276 -2.58 4.57 20.63
C ASN A 276 -4.13 4.49 20.74
N LEU A 277 -4.68 3.29 21.05
CA LEU A 277 -6.12 3.16 21.19
C LEU A 277 -6.57 3.67 22.56
N THR A 278 -7.81 4.15 22.64
CA THR A 278 -8.41 4.50 23.93
C THR A 278 -9.23 3.27 24.37
N VAL A 279 -9.80 3.32 25.58
CA VAL A 279 -10.66 2.24 26.05
C VAL A 279 -11.91 2.12 25.13
N LYS A 280 -12.46 3.27 24.69
CA LYS A 280 -13.63 3.25 23.78
C LYS A 280 -13.26 2.58 22.44
N GLY A 281 -12.08 2.88 21.89
CA GLY A 281 -11.62 2.29 20.64
C GLY A 281 -11.40 0.78 20.75
N HIS A 282 -10.83 0.36 21.88
CA HIS A 282 -10.58 -1.08 22.10
C HIS A 282 -11.94 -1.78 22.27
N ALA A 283 -12.85 -1.20 23.11
CA ALA A 283 -14.15 -1.81 23.39
C ALA A 283 -15.09 -1.84 22.20
N LYS A 284 -14.84 -0.97 21.18
CA LYS A 284 -15.64 -0.96 19.95
C LYS A 284 -15.52 -2.37 19.33
N CYS A 285 -14.35 -3.04 19.49
CA CYS A 285 -14.17 -4.41 18.97
C CYS A 285 -15.14 -5.37 19.60
N VAL A 286 -15.34 -5.27 20.93
CA VAL A 286 -16.30 -6.12 21.62
C VAL A 286 -17.72 -5.83 21.11
N GLU A 287 -18.07 -4.54 20.97
CA GLU A 287 -19.40 -4.13 20.47
C GLU A 287 -19.64 -4.75 19.09
N VAL A 288 -18.62 -4.69 18.21
CA VAL A 288 -18.72 -5.24 16.84
C VAL A 288 -18.97 -6.74 16.87
N VAL A 289 -18.17 -7.49 17.64
CA VAL A 289 -18.32 -8.94 17.73
C VAL A 289 -19.69 -9.32 18.31
N LYS A 290 -20.15 -8.56 19.34
CA LYS A 290 -21.45 -8.80 19.98
C LYS A 290 -22.63 -8.75 19.04
N THR A 291 -22.61 -7.84 18.02
CA THR A 291 -23.74 -7.70 17.08
C THR A 291 -24.06 -8.96 16.31
N PHE A 292 -23.07 -9.86 16.15
CA PHE A 292 -23.28 -11.11 15.40
C PHE A 292 -24.12 -12.13 16.17
N ASN A 293 -24.39 -11.89 17.47
CA ASN A 293 -25.26 -12.77 18.26
C ASN A 293 -24.87 -14.25 18.25
N LEU A 294 -23.57 -14.52 18.40
CA LEU A 294 -23.08 -15.89 18.47
C LEU A 294 -22.55 -16.15 19.88
N PRO A 295 -22.52 -17.41 20.36
CA PRO A 295 -21.92 -17.73 21.68
C PRO A 295 -20.51 -17.11 21.70
N LEU A 296 -20.19 -16.33 22.75
CA LEU A 296 -18.91 -15.61 22.80
C LEU A 296 -18.15 -15.79 24.08
N LEU A 297 -16.88 -16.18 23.96
CA LEU A 297 -15.98 -16.33 25.13
C LEU A 297 -15.02 -15.13 25.03
N MET A 298 -15.05 -14.24 26.04
CA MET A 298 -14.20 -13.04 26.10
CA MET A 298 -14.21 -13.04 26.09
C MET A 298 -13.07 -13.30 27.08
N LEU A 299 -11.82 -13.14 26.60
CA LEU A 299 -10.64 -13.40 27.42
C LEU A 299 -9.73 -12.19 27.56
N GLY A 300 -8.89 -12.22 28.59
CA GLY A 300 -7.90 -11.17 28.83
C GLY A 300 -6.69 -11.37 27.93
N GLY A 301 -5.51 -11.10 28.44
CA GLY A 301 -4.27 -11.24 27.65
C GLY A 301 -3.23 -10.27 28.19
N GLY A 302 -2.51 -9.62 27.31
CA GLY A 302 -1.52 -8.65 27.78
C GLY A 302 -2.17 -7.41 28.34
N GLY A 303 -1.33 -6.46 28.77
CA GLY A 303 -1.76 -5.20 29.37
C GLY A 303 -0.83 -4.97 30.54
N TYR A 304 0.05 -3.95 30.41
CA TYR A 304 1.16 -3.70 31.33
C TYR A 304 1.15 -2.34 32.03
N THR A 305 0.14 -1.46 31.75
CA THR A 305 -0.08 -0.19 32.50
C THR A 305 -1.39 -0.59 33.21
N ILE A 306 -1.25 -1.14 34.43
CA ILE A 306 -2.34 -1.83 35.09
C ILE A 306 -3.56 -0.97 35.36
N ARG A 307 -3.42 0.35 35.62
CA ARG A 307 -4.63 1.18 35.82
C ARG A 307 -5.49 1.18 34.52
N ASN A 308 -4.81 1.17 33.33
CA ASN A 308 -5.55 1.15 32.07
C ASN A 308 -6.17 -0.21 31.75
N VAL A 309 -5.51 -1.30 32.20
CA VAL A 309 -6.02 -2.65 31.98
C VAL A 309 -7.34 -2.75 32.78
N ALA A 310 -7.31 -2.31 34.06
CA ALA A 310 -8.52 -2.37 34.90
C ALA A 310 -9.67 -1.54 34.28
N ARG A 311 -9.35 -0.35 33.76
CA ARG A 311 -10.37 0.49 33.12
C ARG A 311 -10.94 -0.23 31.89
N CYS A 312 -10.05 -0.81 31.07
CA CYS A 312 -10.45 -1.48 29.82
C CYS A 312 -11.37 -2.65 30.01
N TRP A 313 -10.97 -3.59 30.87
CA TRP A 313 -11.74 -4.78 31.08
C TRP A 313 -13.00 -4.49 31.89
N THR A 314 -13.00 -3.44 32.75
CA THR A 314 -14.25 -3.05 33.44
C THR A 314 -15.25 -2.55 32.36
N TYR A 315 -14.77 -1.65 31.46
CA TYR A 315 -15.66 -1.12 30.43
C TYR A 315 -16.13 -2.22 29.47
N GLU A 316 -15.24 -3.15 29.13
CA GLU A 316 -15.64 -4.26 28.23
C GLU A 316 -16.64 -5.20 28.88
N THR A 317 -16.58 -5.36 30.21
CA THR A 317 -17.60 -6.19 30.90
C THR A 317 -18.95 -5.40 30.81
N ALA A 318 -18.90 -4.07 31.04
CA ALA A 318 -20.09 -3.20 30.97
C ALA A 318 -20.71 -3.29 29.56
N VAL A 319 -19.84 -3.30 28.52
CA VAL A 319 -20.27 -3.46 27.12
C VAL A 319 -20.98 -4.80 26.93
N ALA A 320 -20.38 -5.90 27.44
CA ALA A 320 -20.96 -7.25 27.32
C ALA A 320 -22.39 -7.26 27.93
N LEU A 321 -22.58 -6.50 29.02
CA LEU A 321 -23.87 -6.41 29.74
C LEU A 321 -24.83 -5.35 29.18
N ASP A 322 -24.41 -4.56 28.18
CA ASP A 322 -25.19 -3.46 27.58
C ASP A 322 -25.56 -2.48 28.68
N CYS A 323 -24.58 -2.21 29.54
CA CYS A 323 -24.75 -1.35 30.70
C CYS A 323 -23.87 -0.13 30.59
N GLU A 324 -24.52 1.05 30.55
CA GLU A 324 -23.82 2.32 30.51
C GLU A 324 -23.32 2.59 31.92
N ILE A 325 -22.02 2.86 32.05
CA ILE A 325 -21.41 3.16 33.36
C ILE A 325 -20.82 4.55 33.33
N PRO A 326 -20.94 5.31 34.45
CA PRO A 326 -20.41 6.68 34.44
C PRO A 326 -18.90 6.76 34.27
N ASN A 327 -18.43 7.89 33.68
CA ASN A 327 -17.01 8.11 33.48
C ASN A 327 -16.33 8.39 34.82
N GLU A 328 -17.07 9.00 35.78
CA GLU A 328 -16.51 9.29 37.09
C GLU A 328 -16.28 7.94 37.79
N LEU A 329 -15.02 7.60 38.13
CA LEU A 329 -14.79 6.30 38.77
C LEU A 329 -15.38 6.26 40.19
N PRO A 330 -16.03 5.13 40.57
CA PRO A 330 -16.52 5.02 41.96
C PRO A 330 -15.31 4.75 42.85
N TYR A 331 -15.46 5.03 44.15
CA TYR A 331 -14.41 4.70 45.08
C TYR A 331 -14.16 3.17 45.04
N ASN A 332 -12.93 2.74 45.23
CA ASN A 332 -12.57 1.33 45.20
C ASN A 332 -11.25 1.15 45.96
N ASP A 333 -10.85 -0.11 46.19
CA ASP A 333 -9.64 -0.44 46.95
C ASP A 333 -8.34 0.06 46.33
N TYR A 334 -8.38 0.41 45.03
CA TYR A 334 -7.22 0.85 44.26
C TYR A 334 -7.41 2.22 43.69
N PHE A 335 -8.27 3.04 44.32
CA PHE A 335 -8.63 4.37 43.83
C PHE A 335 -7.43 5.26 43.46
N GLU A 336 -6.38 5.27 44.28
CA GLU A 336 -5.19 6.08 44.03
C GLU A 336 -4.44 5.69 42.74
N TYR A 337 -4.62 4.47 42.25
CA TYR A 337 -3.95 4.04 41.02
C TYR A 337 -4.50 4.78 39.79
N PHE A 338 -5.73 5.33 39.91
CA PHE A 338 -6.45 5.99 38.80
C PHE A 338 -6.28 7.49 38.73
N GLY A 339 -5.40 8.01 39.59
CA GLY A 339 -5.10 9.42 39.55
C GLY A 339 -4.31 9.77 38.28
N PRO A 340 -4.17 11.05 37.96
CA PRO A 340 -4.69 12.22 38.68
C PRO A 340 -6.13 12.59 38.35
N ASP A 341 -6.72 11.94 37.33
CA ASP A 341 -8.06 12.24 36.82
C ASP A 341 -9.22 11.51 37.49
N PHE A 342 -8.99 10.25 37.87
CA PHE A 342 -10.02 9.40 38.49
C PHE A 342 -11.23 9.18 37.56
N LYS A 343 -10.95 9.11 36.23
CA LYS A 343 -11.98 8.85 35.20
C LYS A 343 -11.78 7.46 34.62
N LEU A 344 -12.84 6.90 34.03
CA LEU A 344 -12.78 5.57 33.42
C LEU A 344 -12.09 5.60 32.08
N HIS A 345 -12.43 6.61 31.25
CA HIS A 345 -11.91 6.71 29.90
C HIS A 345 -10.57 7.39 29.83
N ILE A 346 -9.79 7.03 28.81
CA ILE A 346 -8.45 7.57 28.67
C ILE A 346 -8.35 8.40 27.41
N SER A 347 -7.38 9.29 27.38
CA SER A 347 -7.11 10.15 26.21
C SER A 347 -5.95 9.53 25.42
N PRO A 348 -5.95 9.61 24.08
CA PRO A 348 -4.81 9.09 23.32
C PRO A 348 -3.63 10.08 23.46
N SER A 349 -2.43 9.61 23.15
CA SER A 349 -1.25 10.48 23.21
C SER A 349 -1.11 11.22 21.87
N ASN A 350 -0.07 12.10 21.76
CA ASN A 350 0.20 12.86 20.53
C ASN A 350 1.17 12.09 19.60
N MET A 351 1.41 10.79 19.89
CA MET A 351 2.32 9.98 19.08
C MET A 351 1.84 9.90 17.63
N THR A 352 2.80 9.84 16.71
CA THR A 352 2.48 9.76 15.29
C THR A 352 1.92 8.38 14.95
N ASN A 353 0.88 8.36 14.14
CA ASN A 353 0.30 7.11 13.67
C ASN A 353 1.05 6.77 12.38
N GLN A 354 1.89 5.73 12.44
CA GLN A 354 2.68 5.29 11.28
C GLN A 354 1.87 4.50 10.24
N ASN A 355 0.64 4.11 10.61
CA ASN A 355 -0.32 3.39 9.77
C ASN A 355 -1.11 4.41 8.94
N THR A 356 -0.59 4.72 7.74
CA THR A 356 -1.31 5.68 6.93
C THR A 356 -2.68 5.10 6.51
N PRO A 357 -3.67 5.95 6.19
CA PRO A 357 -4.98 5.43 5.74
C PRO A 357 -4.81 4.53 4.49
N GLU A 358 -3.84 4.86 3.60
CA GLU A 358 -3.59 4.04 2.39
C GLU A 358 -3.06 2.68 2.76
N TYR A 359 -2.14 2.61 3.74
CA TYR A 359 -1.59 1.34 4.21
C TYR A 359 -2.74 0.48 4.76
N MET A 360 -3.62 1.08 5.60
CA MET A 360 -4.74 0.33 6.21
C MET A 360 -5.67 -0.25 5.14
N GLU A 361 -6.02 0.55 4.14
CA GLU A 361 -6.90 0.10 3.05
C GLU A 361 -6.22 -0.96 2.21
N LYS A 362 -4.92 -0.79 1.96
CA LYS A 362 -4.19 -1.76 1.13
C LYS A 362 -4.13 -3.15 1.78
N ILE A 363 -3.75 -3.22 3.08
CA ILE A 363 -3.68 -4.50 3.80
C ILE A 363 -5.11 -5.13 3.83
N LYS A 364 -6.14 -4.31 4.11
CA LYS A 364 -7.54 -4.79 4.15
C LYS A 364 -7.91 -5.42 2.80
N GLN A 365 -7.55 -4.75 1.68
CA GLN A 365 -7.83 -5.26 0.35
C GLN A 365 -7.12 -6.60 0.09
N ARG A 366 -5.86 -6.73 0.54
CA ARG A 366 -5.08 -7.96 0.38
C ARG A 366 -5.73 -9.11 1.19
N LEU A 367 -6.22 -8.79 2.40
CA LEU A 367 -6.89 -9.81 3.22
C LEU A 367 -8.23 -10.20 2.59
N PHE A 368 -8.99 -9.24 2.00
CA PHE A 368 -10.26 -9.56 1.34
C PHE A 368 -10.03 -10.53 0.17
N GLU A 369 -8.90 -10.39 -0.55
CA GLU A 369 -8.55 -11.30 -1.65
C GLU A 369 -8.42 -12.72 -1.11
N ASN A 370 -7.82 -12.89 0.09
CA ASN A 370 -7.64 -14.21 0.68
C ASN A 370 -8.97 -14.77 1.13
N LEU A 371 -9.87 -13.92 1.66
CA LEU A 371 -11.18 -14.34 2.14
C LEU A 371 -12.10 -14.80 0.99
N ARG A 372 -11.81 -14.37 -0.27
CA ARG A 372 -12.58 -14.79 -1.44
C ARG A 372 -12.29 -16.25 -1.77
N MET A 373 -11.16 -16.77 -1.25
CA MET A 373 -10.70 -18.13 -1.47
C MET A 373 -11.41 -19.17 -0.59
N LEU A 374 -12.27 -18.72 0.34
CA LEU A 374 -13.03 -19.64 1.21
C LEU A 374 -14.15 -20.28 0.39
N LYS B 10 24.78 -14.49 -16.98
CA LYS B 10 25.62 -13.47 -16.32
C LYS B 10 25.44 -13.50 -14.79
N LYS B 11 26.55 -13.68 -14.07
CA LYS B 11 26.60 -13.79 -12.61
C LYS B 11 26.57 -12.40 -11.95
N VAL B 12 25.80 -12.28 -10.83
CA VAL B 12 25.68 -11.03 -10.09
C VAL B 12 26.07 -11.21 -8.62
N CYS B 13 27.02 -10.41 -8.11
CA CYS B 13 27.39 -10.40 -6.69
C CYS B 13 26.95 -9.03 -6.16
N TYR B 14 26.43 -9.00 -4.95
CA TYR B 14 25.82 -7.81 -4.38
C TYR B 14 26.33 -7.65 -2.95
N TYR B 15 26.71 -6.42 -2.57
CA TYR B 15 27.24 -6.12 -1.25
C TYR B 15 26.30 -5.36 -0.38
N TYR B 16 26.17 -5.78 0.87
CA TYR B 16 25.26 -5.12 1.82
C TYR B 16 25.66 -5.45 3.23
N ASP B 17 25.79 -4.43 4.08
CA ASP B 17 26.05 -4.66 5.49
C ASP B 17 24.79 -4.22 6.21
N GLY B 18 24.24 -5.08 7.07
CA GLY B 18 23.04 -4.77 7.84
C GLY B 18 23.09 -3.56 8.74
N ASP B 19 24.27 -3.03 9.08
CA ASP B 19 24.37 -1.86 9.95
C ASP B 19 24.28 -0.55 9.12
N ILE B 20 24.42 -0.65 7.78
CA ILE B 20 24.50 0.54 6.90
C ILE B 20 23.34 1.51 7.12
N GLY B 21 22.12 1.00 7.28
CA GLY B 21 20.94 1.84 7.49
C GLY B 21 20.88 2.58 8.81
N ASN B 22 21.77 2.24 9.77
CA ASN B 22 21.78 2.85 11.11
C ASN B 22 22.63 4.13 11.21
N TYR B 23 23.47 4.42 10.19
CA TYR B 23 24.27 5.65 10.21
C TYR B 23 23.35 6.80 9.87
N TYR B 24 23.42 7.87 10.67
CA TYR B 24 22.51 9.01 10.54
C TYR B 24 23.24 10.33 10.39
N TYR B 25 22.99 11.04 9.28
CA TYR B 25 23.65 12.33 9.02
C TYR B 25 23.17 13.48 9.91
N GLY B 26 22.05 13.30 10.60
CA GLY B 26 21.50 14.34 11.47
C GLY B 26 20.14 14.81 11.04
N GLN B 27 19.38 15.41 11.99
CA GLN B 27 18.02 15.90 11.74
C GLN B 27 17.97 16.85 10.54
N GLY B 28 17.09 16.55 9.60
CA GLY B 28 16.88 17.36 8.39
C GLY B 28 17.87 17.16 7.26
N HIS B 29 18.96 16.41 7.49
CA HIS B 29 19.95 16.18 6.43
C HIS B 29 19.33 15.27 5.34
N PRO B 30 19.40 15.68 4.06
CA PRO B 30 18.76 14.86 3.01
C PRO B 30 19.33 13.47 2.79
N MET B 31 20.64 13.27 3.07
CA MET B 31 21.29 11.96 2.84
C MET B 31 20.86 10.96 3.93
N LYS B 32 20.16 9.92 3.51
CA LYS B 32 19.61 8.93 4.43
C LYS B 32 20.07 7.51 4.12
N PRO B 33 21.12 7.03 4.81
CA PRO B 33 21.60 5.65 4.59
C PRO B 33 20.49 4.59 4.74
N HIS B 34 19.44 4.89 5.53
CA HIS B 34 18.27 4.00 5.68
C HIS B 34 17.69 3.58 4.29
N ARG B 35 17.84 4.46 3.23
CA ARG B 35 17.35 4.11 1.89
C ARG B 35 18.01 2.83 1.36
N ILE B 36 19.25 2.54 1.81
CA ILE B 36 19.99 1.34 1.38
C ILE B 36 19.31 0.11 2.01
N ARG B 37 18.94 0.22 3.29
CA ARG B 37 18.24 -0.85 3.99
C ARG B 37 16.83 -1.06 3.34
N MET B 38 16.14 0.04 2.98
CA MET B 38 14.81 -0.08 2.32
C MET B 38 14.98 -0.82 1.01
N THR B 39 16.04 -0.49 0.25
CA THR B 39 16.28 -1.17 -1.03
C THR B 39 16.49 -2.67 -0.78
N HIS B 40 17.37 -2.98 0.18
CA HIS B 40 17.68 -4.37 0.49
C HIS B 40 16.42 -5.16 0.88
N ASN B 41 15.57 -4.58 1.73
CA ASN B 41 14.40 -5.30 2.23
C ASN B 41 13.39 -5.49 1.10
N LEU B 42 13.31 -4.52 0.18
CA LEU B 42 12.40 -4.66 -0.94
C LEU B 42 12.88 -5.78 -1.87
N LEU B 43 14.18 -5.80 -2.25
N LEU B 43 14.21 -5.83 -2.13
CA LEU B 43 14.62 -6.86 -3.15
CA LEU B 43 14.81 -6.88 -2.96
C LEU B 43 14.55 -8.28 -2.46
C LEU B 43 14.55 -8.26 -2.41
N LEU B 44 14.73 -8.40 -1.11
CA LEU B 44 14.55 -9.68 -0.41
C LEU B 44 13.07 -10.13 -0.56
N ASN B 45 12.12 -9.19 -0.37
CA ASN B 45 10.69 -9.51 -0.43
C ASN B 45 10.22 -9.82 -1.86
N TYR B 46 10.95 -9.35 -2.87
CA TYR B 46 10.67 -9.70 -4.25
C TYR B 46 11.25 -11.11 -4.56
N GLY B 47 12.09 -11.63 -3.66
CA GLY B 47 12.73 -12.94 -3.85
C GLY B 47 13.99 -12.93 -4.68
N LEU B 48 14.57 -11.73 -4.94
CA LEU B 48 15.75 -11.60 -5.78
C LEU B 48 17.05 -12.18 -5.16
N TYR B 49 17.05 -12.47 -3.85
CA TYR B 49 18.23 -13.06 -3.19
C TYR B 49 18.49 -14.48 -3.73
N ARG B 50 17.45 -15.12 -4.29
CA ARG B 50 17.54 -16.48 -4.84
C ARG B 50 18.47 -16.55 -6.03
N LYS B 51 18.58 -15.44 -6.79
CA LYS B 51 19.34 -15.33 -8.02
C LYS B 51 20.73 -14.69 -7.91
N MET B 52 21.12 -14.22 -6.73
CA MET B 52 22.41 -13.59 -6.67
C MET B 52 23.21 -13.95 -5.43
N GLU B 53 24.51 -13.68 -5.49
CA GLU B 53 25.39 -13.92 -4.35
C GLU B 53 25.40 -12.65 -3.55
N ILE B 54 25.04 -12.75 -2.31
CA ILE B 54 24.99 -11.63 -1.38
C ILE B 54 26.14 -11.72 -0.41
N TYR B 55 26.96 -10.64 -0.34
CA TYR B 55 28.09 -10.61 0.59
C TYR B 55 28.03 -9.44 1.50
N ARG B 56 28.62 -9.58 2.70
CA ARG B 56 28.75 -8.46 3.62
C ARG B 56 30.13 -7.87 3.25
N PRO B 57 30.25 -6.54 3.04
CA PRO B 57 31.55 -5.96 2.74
C PRO B 57 32.44 -5.96 3.97
N HIS B 58 33.76 -5.94 3.75
CA HIS B 58 34.70 -5.79 4.84
C HIS B 58 34.73 -4.28 5.11
N LYS B 59 35.34 -3.88 6.23
CA LYS B 59 35.53 -2.47 6.54
C LYS B 59 36.84 -2.11 5.86
N ALA B 60 36.78 -1.29 4.79
CA ALA B 60 38.00 -0.89 4.09
C ALA B 60 39.00 -0.24 5.05
N THR B 61 40.25 -0.62 4.93
CA THR B 61 41.27 -0.09 5.86
C THR B 61 41.80 1.27 5.44
N ALA B 62 42.52 1.95 6.37
CA ALA B 62 43.17 3.23 6.03
C ALA B 62 44.18 3.00 4.89
N GLU B 63 44.85 1.81 4.84
CA GLU B 63 45.79 1.42 3.78
C GLU B 63 45.07 1.41 2.41
N GLU B 64 43.85 0.87 2.35
CA GLU B 64 43.07 0.83 1.11
C GLU B 64 42.64 2.24 0.71
N MET B 65 42.18 3.05 1.66
CA MET B 65 41.70 4.41 1.36
C MET B 65 42.82 5.33 0.91
N THR B 66 44.06 5.11 1.46
CA THR B 66 45.14 6.00 1.07
C THR B 66 45.76 5.65 -0.29
N LYS B 67 45.17 4.67 -1.03
CA LYS B 67 45.61 4.39 -2.41
C LYS B 67 45.23 5.63 -3.26
N TYR B 68 44.29 6.46 -2.73
CA TYR B 68 43.87 7.70 -3.37
C TYR B 68 43.96 8.89 -2.43
N HIS B 69 43.26 8.83 -1.30
CA HIS B 69 43.19 9.92 -0.35
C HIS B 69 44.50 10.15 0.37
N SER B 70 44.71 11.38 0.81
CA SER B 70 45.91 11.73 1.56
C SER B 70 45.82 11.10 2.96
N ASP B 71 46.98 10.73 3.49
CA ASP B 71 47.16 10.15 4.82
C ASP B 71 46.55 11.04 5.91
N GLU B 72 46.78 12.37 5.80
CA GLU B 72 46.31 13.40 6.71
C GLU B 72 44.76 13.41 6.77
N TYR B 73 44.13 13.36 5.60
CA TYR B 73 42.66 13.38 5.53
C TYR B 73 42.03 12.10 6.11
N ILE B 74 42.58 10.92 5.78
CA ILE B 74 42.06 9.65 6.31
C ILE B 74 42.25 9.60 7.83
N LYS B 75 43.46 10.03 8.32
CA LYS B 75 43.74 10.08 9.76
C LYS B 75 42.67 10.97 10.45
N PHE B 76 42.33 12.13 9.84
CA PHE B 76 41.32 13.04 10.38
C PHE B 76 39.93 12.34 10.44
N LEU B 77 39.51 11.66 9.34
CA LEU B 77 38.21 10.96 9.31
C LEU B 77 38.13 9.88 10.38
N ARG B 78 39.26 9.21 10.66
CA ARG B 78 39.33 8.14 11.65
C ARG B 78 39.37 8.68 13.09
N SER B 79 39.59 9.99 13.26
CA SER B 79 39.70 10.60 14.59
C SER B 79 38.51 11.42 15.01
N ILE B 80 37.89 12.16 14.06
CA ILE B 80 36.81 13.09 14.30
C ILE B 80 35.53 12.41 14.84
N ARG B 81 35.00 12.96 15.93
CA ARG B 81 33.79 12.44 16.56
C ARG B 81 32.95 13.62 17.05
N PRO B 82 31.60 13.48 17.22
CA PRO B 82 30.82 14.60 17.75
C PRO B 82 31.36 15.11 19.12
N ASP B 83 31.90 14.22 19.97
CA ASP B 83 32.43 14.57 21.31
C ASP B 83 33.83 15.30 21.30
N ASN B 84 34.56 15.30 20.16
CA ASN B 84 35.87 15.98 20.13
C ASN B 84 35.99 17.07 19.04
N MET B 85 34.85 17.44 18.40
CA MET B 85 34.74 18.47 17.36
C MET B 85 35.38 19.80 17.73
N SER B 86 35.24 20.20 19.00
CA SER B 86 35.81 21.45 19.54
C SER B 86 37.34 21.50 19.42
N GLU B 87 38.02 20.34 19.50
CA GLU B 87 39.48 20.18 19.40
C GLU B 87 39.99 20.17 17.94
N TYR B 88 39.08 19.98 16.95
CA TYR B 88 39.40 19.87 15.53
C TYR B 88 38.77 20.95 14.62
N SER B 89 38.43 22.13 15.17
CA SER B 89 37.80 23.22 14.40
C SER B 89 38.55 23.62 13.10
N LYS B 90 39.89 23.76 13.15
CA LYS B 90 40.66 24.12 11.94
C LYS B 90 40.78 22.97 10.94
N GLN B 91 40.90 21.71 11.43
CA GLN B 91 40.97 20.55 10.55
C GLN B 91 39.61 20.33 9.87
N MET B 92 38.48 20.59 10.59
CA MET B 92 37.13 20.46 10.01
C MET B 92 37.00 21.44 8.83
N GLN B 93 37.57 22.65 9.01
CA GLN B 93 37.58 23.70 7.99
C GLN B 93 38.44 23.25 6.81
N ARG B 94 39.66 22.75 7.06
CA ARG B 94 40.60 22.29 6.02
C ARG B 94 40.00 21.14 5.18
N PHE B 95 39.37 20.17 5.86
CA PHE B 95 38.83 18.97 5.20
C PHE B 95 37.36 19.08 4.77
N ASN B 96 36.75 20.28 4.93
CA ASN B 96 35.37 20.61 4.55
C ASN B 96 34.33 19.72 5.22
N VAL B 97 34.50 19.48 6.53
CA VAL B 97 33.57 18.69 7.30
C VAL B 97 32.85 19.61 8.29
N GLY B 98 31.52 19.45 8.42
CA GLY B 98 30.70 20.22 9.34
C GLY B 98 29.41 20.81 8.83
N GLU B 99 29.22 20.89 7.49
CA GLU B 99 28.02 21.46 6.84
C GLU B 99 27.22 20.41 6.06
N ASP B 100 27.51 20.27 4.75
CA ASP B 100 26.88 19.24 3.91
C ASP B 100 27.46 17.93 4.34
N CYS B 101 28.69 17.95 4.87
CA CYS B 101 29.35 16.71 5.26
C CYS B 101 29.54 16.77 6.77
N PRO B 102 28.49 16.49 7.55
CA PRO B 102 28.59 16.62 9.01
C PRO B 102 29.40 15.55 9.69
N VAL B 103 29.72 15.80 10.98
CA VAL B 103 30.38 14.80 11.79
C VAL B 103 29.23 14.03 12.45
N PHE B 104 29.20 12.71 12.32
CA PHE B 104 28.16 11.93 12.99
C PHE B 104 28.79 10.69 13.59
N ASP B 105 28.08 10.08 14.56
CA ASP B 105 28.58 8.87 15.23
C ASP B 105 28.80 7.76 14.20
N GLY B 106 30.00 7.18 14.19
CA GLY B 106 30.33 6.10 13.28
C GLY B 106 30.64 6.50 11.85
N LEU B 107 30.87 7.79 11.62
CA LEU B 107 31.20 8.31 10.29
C LEU B 107 32.26 7.45 9.59
N PHE B 108 33.39 7.18 10.27
CA PHE B 108 34.48 6.40 9.66
C PHE B 108 34.03 5.00 9.27
N GLU B 109 33.31 4.30 10.16
CA GLU B 109 32.79 2.94 9.92
C GLU B 109 31.89 2.99 8.67
N PHE B 110 31.01 4.03 8.58
CA PHE B 110 30.13 4.22 7.42
C PHE B 110 30.97 4.28 6.14
N CYS B 111 32.05 5.10 6.15
CA CYS B 111 32.96 5.22 5.01
C CYS B 111 33.60 3.87 4.69
N GLN B 112 34.03 3.15 5.74
CA GLN B 112 34.68 1.85 5.55
C GLN B 112 33.79 0.82 4.86
N LEU B 113 32.50 0.80 5.23
CA LEU B 113 31.55 -0.16 4.68
C LEU B 113 31.13 0.22 3.26
N SER B 114 30.89 1.52 3.03
CA SER B 114 30.56 2.01 1.70
C SER B 114 31.72 1.67 0.75
N THR B 115 32.97 1.98 1.15
CA THR B 115 34.14 1.71 0.33
C THR B 115 34.41 0.22 0.17
N GLY B 116 34.28 -0.53 1.28
CA GLY B 116 34.55 -1.96 1.25
C GLY B 116 33.76 -2.67 0.17
N GLY B 117 32.48 -2.33 0.02
CA GLY B 117 31.68 -2.97 -1.01
C GLY B 117 32.16 -2.69 -2.43
N SER B 118 32.58 -1.44 -2.72
CA SER B 118 33.03 -1.09 -4.07
C SER B 118 34.37 -1.75 -4.42
N VAL B 119 35.32 -1.70 -3.49
CA VAL B 119 36.64 -2.31 -3.77
C VAL B 119 36.51 -3.86 -3.82
N ALA B 120 35.72 -4.46 -2.92
CA ALA B 120 35.51 -5.93 -2.96
C ALA B 120 34.88 -6.33 -4.31
N GLY B 121 33.90 -5.56 -4.79
CA GLY B 121 33.28 -5.81 -6.08
C GLY B 121 34.27 -5.74 -7.23
N ALA B 122 35.15 -4.71 -7.21
CA ALA B 122 36.18 -4.54 -8.25
C ALA B 122 37.13 -5.78 -8.21
N VAL B 123 37.50 -6.27 -7.00
CA VAL B 123 38.36 -7.47 -6.87
C VAL B 123 37.67 -8.70 -7.50
N LYS B 124 36.37 -8.89 -7.22
CA LYS B 124 35.61 -10.01 -7.79
C LYS B 124 35.57 -9.94 -9.32
N LEU B 125 35.45 -8.72 -9.87
CA LEU B 125 35.43 -8.55 -11.31
C LEU B 125 36.83 -8.87 -11.90
N ASN B 126 37.89 -8.37 -11.28
CA ASN B 126 39.28 -8.60 -11.73
C ASN B 126 39.63 -10.09 -11.76
N ARG B 127 39.17 -10.81 -10.74
CA ARG B 127 39.38 -12.26 -10.57
C ARG B 127 38.43 -13.09 -11.44
N GLN B 128 37.58 -12.42 -12.26
CA GLN B 128 36.61 -13.05 -13.16
C GLN B 128 35.70 -14.03 -12.43
N GLN B 129 35.40 -13.73 -11.16
CA GLN B 129 34.51 -14.51 -10.31
C GLN B 129 33.04 -14.10 -10.48
N THR B 130 32.80 -12.93 -11.10
CA THR B 130 31.45 -12.42 -11.38
C THR B 130 31.49 -11.59 -12.65
N ASP B 131 30.32 -11.39 -13.27
CA ASP B 131 30.16 -10.56 -14.46
C ASP B 131 29.74 -9.14 -14.01
N MET B 132 28.97 -9.08 -12.91
CA MET B 132 28.47 -7.81 -12.39
C MET B 132 28.59 -7.82 -10.89
N ALA B 133 28.98 -6.68 -10.33
CA ALA B 133 29.06 -6.50 -8.87
C ALA B 133 28.23 -5.27 -8.58
N VAL B 134 27.48 -5.31 -7.50
CA VAL B 134 26.56 -4.21 -7.11
C VAL B 134 26.85 -3.75 -5.70
N ASN B 135 26.96 -2.41 -5.50
CA ASN B 135 27.13 -1.87 -4.13
C ASN B 135 26.33 -0.59 -4.03
N TRP B 136 25.08 -0.70 -3.57
CA TRP B 136 24.23 0.49 -3.47
C TRP B 136 24.69 1.48 -2.42
N ALA B 137 25.53 1.04 -1.45
CA ALA B 137 26.06 1.96 -0.44
C ALA B 137 27.21 2.81 -1.01
N GLY B 138 27.71 2.50 -2.20
CA GLY B 138 28.83 3.24 -2.80
C GLY B 138 28.36 4.29 -3.80
N GLY B 139 29.27 4.73 -4.68
CA GLY B 139 28.93 5.76 -5.66
C GLY B 139 29.04 7.19 -5.14
N LEU B 140 29.86 7.40 -4.09
CA LEU B 140 29.99 8.72 -3.46
C LEU B 140 31.00 9.58 -4.21
N HIS B 141 30.57 10.00 -5.42
CA HIS B 141 31.37 10.63 -6.47
C HIS B 141 31.95 12.01 -6.21
N HIS B 142 31.47 12.73 -5.17
CA HIS B 142 31.99 14.08 -4.90
C HIS B 142 33.26 14.16 -4.04
N ALA B 143 33.59 13.11 -3.27
CA ALA B 143 34.76 13.17 -2.36
C ALA B 143 36.04 13.42 -3.13
N LYS B 144 36.89 14.25 -2.56
CA LYS B 144 38.15 14.61 -3.20
C LYS B 144 39.33 13.99 -2.49
N LYS B 145 40.54 14.09 -3.09
CA LYS B 145 41.74 13.52 -2.49
C LYS B 145 41.92 13.88 -1.01
N SER B 146 41.74 15.16 -0.65
CA SER B 146 41.94 15.61 0.73
C SER B 146 40.78 16.46 1.23
N GLU B 147 39.54 16.21 0.73
CA GLU B 147 38.43 17.03 1.15
C GLU B 147 37.11 16.26 1.01
N ALA B 148 36.19 16.43 1.97
CA ALA B 148 34.84 15.85 1.84
C ALA B 148 34.06 16.86 0.99
N SER B 149 32.97 16.43 0.36
CA SER B 149 32.16 17.32 -0.46
C SER B 149 30.85 16.64 -0.82
N GLY B 150 29.77 17.42 -0.89
CA GLY B 150 28.48 16.93 -1.36
C GLY B 150 27.98 15.64 -0.73
N PHE B 151 28.09 15.54 0.60
CA PHE B 151 27.64 14.39 1.42
C PHE B 151 28.55 13.17 1.27
N CYS B 152 29.69 13.30 0.54
CA CYS B 152 30.66 12.22 0.27
C CYS B 152 31.93 12.48 1.04
N TYR B 153 32.51 11.45 1.65
CA TYR B 153 33.76 11.62 2.41
C TYR B 153 34.90 10.85 1.78
N VAL B 154 34.65 9.59 1.43
CA VAL B 154 35.67 8.73 0.81
C VAL B 154 35.16 8.37 -0.56
N ASN B 155 36.02 8.58 -1.58
CA ASN B 155 35.65 8.31 -2.95
C ASN B 155 35.82 6.85 -3.27
N ASP B 156 34.78 6.07 -2.93
CA ASP B 156 34.83 4.62 -3.17
C ASP B 156 34.96 4.30 -4.66
N ILE B 157 34.44 5.20 -5.52
CA ILE B 157 34.50 4.96 -6.97
C ILE B 157 35.95 5.03 -7.43
N VAL B 158 36.67 6.08 -7.01
CA VAL B 158 38.07 6.23 -7.44
C VAL B 158 38.86 5.00 -6.97
N LEU B 159 38.65 4.61 -5.71
CA LEU B 159 39.37 3.42 -5.18
C LEU B 159 39.02 2.14 -5.96
N ALA B 160 37.72 1.95 -6.30
CA ALA B 160 37.29 0.79 -7.09
C ALA B 160 37.96 0.81 -8.48
N ILE B 161 38.03 1.98 -9.12
CA ILE B 161 38.63 2.12 -10.44
C ILE B 161 40.15 1.83 -10.35
N LEU B 162 40.81 2.32 -9.28
CA LEU B 162 42.24 2.05 -9.12
C LEU B 162 42.46 0.53 -9.04
N GLU B 163 41.52 -0.19 -8.36
CA GLU B 163 41.59 -1.67 -8.27
C GLU B 163 41.38 -2.27 -9.67
N LEU B 164 40.36 -1.80 -10.43
CA LEU B 164 40.17 -2.35 -11.78
C LEU B 164 41.40 -2.07 -12.67
N LEU B 165 42.05 -0.91 -12.48
CA LEU B 165 43.21 -0.51 -13.30
C LEU B 165 44.39 -1.47 -13.15
N LYS B 166 44.38 -2.32 -12.09
CA LYS B 166 45.47 -3.30 -11.94
C LYS B 166 45.41 -4.33 -13.07
N TYR B 167 44.19 -4.70 -13.53
CA TYR B 167 43.96 -5.71 -14.56
C TYR B 167 43.46 -5.21 -15.89
N HIS B 168 42.92 -3.97 -15.94
CA HIS B 168 42.32 -3.39 -17.15
C HIS B 168 43.05 -2.17 -17.63
N GLN B 169 43.49 -2.20 -18.92
CA GLN B 169 44.20 -1.07 -19.52
C GLN B 169 43.31 0.17 -19.58
N ARG B 170 42.03 -0.02 -19.93
CA ARG B 170 41.09 1.10 -20.08
C ARG B 170 39.80 0.76 -19.32
N VAL B 171 39.38 1.70 -18.46
CA VAL B 171 38.14 1.56 -17.67
C VAL B 171 37.25 2.73 -18.06
N LEU B 172 35.96 2.44 -18.26
CA LEU B 172 34.95 3.46 -18.58
C LEU B 172 34.13 3.72 -17.33
N TYR B 173 33.95 5.00 -16.99
CA TYR B 173 33.11 5.39 -15.86
C TYR B 173 31.92 6.15 -16.43
N ILE B 174 30.68 5.78 -16.04
CA ILE B 174 29.45 6.44 -16.52
C ILE B 174 28.69 6.89 -15.27
N ASP B 175 28.25 8.15 -15.26
CA ASP B 175 27.59 8.70 -14.08
C ASP B 175 26.23 9.31 -14.46
N ILE B 176 25.13 8.68 -13.98
CA ILE B 176 23.76 9.13 -14.31
C ILE B 176 23.08 9.82 -13.11
N ASP B 177 23.89 10.11 -12.07
CA ASP B 177 23.44 10.92 -10.93
C ASP B 177 23.13 12.32 -11.55
N ILE B 178 22.14 13.04 -10.96
CA ILE B 178 21.83 14.36 -11.51
C ILE B 178 23.03 15.36 -11.37
N HIS B 179 23.91 15.12 -10.39
CA HIS B 179 25.10 15.97 -10.15
C HIS B 179 26.29 15.49 -10.98
N HIS B 180 27.13 16.43 -11.40
CA HIS B 180 28.36 16.11 -12.15
C HIS B 180 29.24 15.24 -11.24
N GLY B 181 29.83 14.16 -11.80
CA GLY B 181 30.73 13.30 -11.03
C GLY B 181 32.13 13.91 -10.98
N ASP B 182 32.25 15.04 -10.28
CA ASP B 182 33.50 15.82 -10.23
C ASP B 182 34.69 15.15 -9.55
N GLY B 183 34.47 14.42 -8.44
CA GLY B 183 35.60 13.81 -7.73
C GLY B 183 36.27 12.75 -8.59
N VAL B 184 35.43 12.01 -9.34
CA VAL B 184 35.93 10.95 -10.22
C VAL B 184 36.64 11.56 -11.44
N GLU B 185 36.00 12.56 -12.08
CA GLU B 185 36.59 13.21 -13.26
C GLU B 185 37.95 13.81 -12.88
N GLU B 186 38.02 14.51 -11.75
CA GLU B 186 39.26 15.12 -11.26
C GLU B 186 40.37 14.09 -11.02
N ALA B 187 40.07 12.96 -10.34
CA ALA B 187 41.10 11.94 -10.08
C ALA B 187 41.79 11.46 -11.37
N PHE B 188 41.00 11.32 -12.47
CA PHE B 188 41.51 10.80 -13.73
C PHE B 188 41.58 11.79 -14.89
N TYR B 189 41.54 13.10 -14.59
CA TYR B 189 41.48 14.13 -15.64
C TYR B 189 42.66 14.15 -16.58
N THR B 190 43.83 13.71 -16.10
CA THR B 190 45.05 13.74 -16.94
C THR B 190 45.50 12.34 -17.43
N THR B 191 44.60 11.33 -17.38
CA THR B 191 44.92 10.00 -17.90
C THR B 191 43.93 9.53 -18.95
N ASP B 192 44.43 8.72 -19.91
CA ASP B 192 43.62 8.11 -20.95
C ASP B 192 43.24 6.69 -20.50
N ARG B 193 43.67 6.26 -19.30
CA ARG B 193 43.35 4.93 -18.80
C ARG B 193 41.95 4.84 -18.18
N VAL B 194 41.33 5.99 -17.99
CA VAL B 194 39.95 6.05 -17.50
C VAL B 194 39.25 7.14 -18.29
N MET B 195 38.14 6.80 -18.95
CA MET B 195 37.30 7.77 -19.61
C MET B 195 36.14 7.99 -18.66
N THR B 196 35.86 9.25 -18.30
CA THR B 196 34.73 9.56 -17.40
C THR B 196 33.64 10.19 -18.24
N VAL B 197 32.38 9.70 -18.08
CA VAL B 197 31.26 10.22 -18.85
C VAL B 197 30.19 10.59 -17.84
N SER B 198 29.86 11.90 -17.74
CA SER B 198 28.83 12.32 -16.82
C SER B 198 27.70 13.05 -17.54
N PHE B 199 26.46 12.67 -17.21
CA PHE B 199 25.23 13.34 -17.67
C PHE B 199 24.73 14.02 -16.39
N HIS B 200 24.43 15.33 -16.43
CA HIS B 200 24.04 16.01 -15.20
C HIS B 200 23.36 17.32 -15.49
N LYS B 201 22.69 17.85 -14.47
CA LYS B 201 22.12 19.20 -14.58
C LYS B 201 23.31 20.17 -14.46
N TYR B 202 23.32 21.20 -15.34
CA TYR B 202 24.39 22.16 -15.33
C TYR B 202 23.79 23.58 -15.46
N GLY B 203 24.33 24.48 -14.67
CA GLY B 203 23.92 25.89 -14.64
C GLY B 203 23.44 26.29 -13.27
N GLU B 204 24.30 26.99 -12.50
CA GLU B 204 23.99 27.44 -11.14
C GLU B 204 23.46 26.26 -10.29
N TYR B 205 24.18 25.12 -10.36
CA TYR B 205 23.78 23.88 -9.68
C TYR B 205 24.99 23.18 -9.13
N PHE B 206 24.86 22.57 -7.96
CA PHE B 206 25.99 21.89 -7.35
C PHE B 206 26.53 20.76 -8.27
N PRO B 207 27.87 20.58 -8.39
CA PRO B 207 28.99 21.30 -7.76
C PRO B 207 29.52 22.51 -8.57
N GLY B 208 28.94 22.78 -9.74
CA GLY B 208 29.31 23.91 -10.60
C GLY B 208 30.22 23.57 -11.76
N THR B 209 30.67 22.32 -11.82
CA THR B 209 31.59 21.82 -12.85
C THR B 209 30.85 20.94 -13.86
N GLY B 210 31.57 20.38 -14.82
CA GLY B 210 30.92 19.54 -15.80
C GLY B 210 30.45 20.28 -17.04
N ASP B 211 31.19 21.33 -17.41
CA ASP B 211 30.85 22.06 -18.62
C ASP B 211 31.21 21.13 -19.82
N LEU B 212 30.48 21.27 -20.94
CA LEU B 212 30.68 20.55 -22.20
C LEU B 212 32.17 20.70 -22.64
N ARG B 213 32.80 21.84 -22.29
CA ARG B 213 34.17 22.16 -22.70
C ARG B 213 35.26 21.57 -21.80
N ASP B 214 34.87 20.90 -20.68
CA ASP B 214 35.83 20.23 -19.80
C ASP B 214 35.98 18.85 -20.41
N ILE B 215 37.05 18.67 -21.19
CA ILE B 215 37.31 17.44 -21.94
C ILE B 215 38.56 16.66 -21.50
N GLY B 216 39.21 17.07 -20.42
CA GLY B 216 40.44 16.39 -19.97
C GLY B 216 41.65 17.26 -20.28
N ALA B 217 42.82 16.84 -19.78
CA ALA B 217 44.08 17.59 -20.00
C ALA B 217 45.26 16.64 -20.17
N GLY B 218 46.31 17.12 -20.87
CA GLY B 218 47.51 16.31 -21.10
C GLY B 218 47.17 15.04 -21.83
N LYS B 219 47.64 13.89 -21.30
CA LYS B 219 47.35 12.59 -21.90
C LYS B 219 45.84 12.28 -21.80
N GLY B 220 45.15 12.94 -20.86
CA GLY B 220 43.71 12.75 -20.67
C GLY B 220 42.83 13.60 -21.57
N LYS B 221 43.44 14.44 -22.47
CA LYS B 221 42.64 15.25 -23.38
C LYS B 221 41.74 14.39 -24.25
N TYR B 222 40.40 14.65 -24.20
CA TYR B 222 39.32 13.93 -24.90
C TYR B 222 38.85 12.67 -24.11
N TYR B 223 39.39 12.44 -22.91
CA TYR B 223 39.01 11.27 -22.09
C TYR B 223 38.09 11.65 -20.92
N ALA B 224 37.50 12.86 -20.97
CA ALA B 224 36.50 13.31 -20.00
C ALA B 224 35.35 13.82 -20.88
N VAL B 225 34.12 13.30 -20.64
CA VAL B 225 32.96 13.64 -21.44
C VAL B 225 31.89 14.14 -20.49
N ASN B 226 31.33 15.30 -20.79
CA ASN B 226 30.29 15.91 -19.97
C ASN B 226 29.10 16.30 -20.81
N PHE B 227 27.92 15.80 -20.41
CA PHE B 227 26.69 16.15 -21.11
C PHE B 227 25.84 17.04 -20.15
N PRO B 228 25.94 18.37 -20.29
CA PRO B 228 25.15 19.26 -19.40
C PRO B 228 23.71 19.35 -19.88
N MET B 229 22.79 19.28 -18.92
N MET B 229 22.81 19.26 -18.90
CA MET B 229 21.36 19.35 -19.23
CA MET B 229 21.35 19.23 -19.09
C MET B 229 20.67 20.39 -18.37
C MET B 229 20.61 20.28 -18.26
N ARG B 230 19.39 20.65 -18.72
CA ARG B 230 18.56 21.60 -18.00
C ARG B 230 17.46 20.80 -17.26
N ASP B 231 16.65 21.49 -16.47
CA ASP B 231 15.53 20.87 -15.73
C ASP B 231 14.57 20.15 -16.65
N GLY B 232 13.92 19.13 -16.09
CA GLY B 232 12.84 18.46 -16.76
C GLY B 232 13.07 17.40 -17.79
N ILE B 233 14.34 16.95 -17.97
N ILE B 233 14.34 16.95 -17.96
CA ILE B 233 14.59 15.91 -18.94
CA ILE B 233 14.58 15.90 -18.93
C ILE B 233 13.71 14.69 -18.60
C ILE B 233 13.69 14.69 -18.60
N ASP B 234 13.14 14.06 -19.65
CA ASP B 234 12.26 12.91 -19.49
C ASP B 234 12.89 11.65 -20.04
N ASP B 235 12.20 10.52 -19.86
CA ASP B 235 12.70 9.23 -20.32
C ASP B 235 13.05 9.20 -21.81
N GLU B 236 12.14 9.73 -22.65
CA GLU B 236 12.36 9.69 -24.10
C GLU B 236 13.61 10.47 -24.52
N SER B 237 13.75 11.70 -24.03
CA SER B 237 14.86 12.60 -24.33
C SER B 237 16.20 12.04 -23.81
N TYR B 238 16.20 11.56 -22.55
CA TYR B 238 17.41 11.02 -21.97
C TYR B 238 17.87 9.77 -22.74
N GLY B 239 16.95 8.86 -23.04
CA GLY B 239 17.26 7.60 -23.72
C GLY B 239 17.78 7.81 -25.12
N GLN B 240 17.21 8.81 -25.83
CA GLN B 240 17.62 9.17 -27.20
C GLN B 240 19.05 9.70 -27.26
N ILE B 241 19.56 10.23 -26.13
CA ILE B 241 20.92 10.73 -26.07
C ILE B 241 21.89 9.72 -25.41
N PHE B 242 21.44 8.98 -24.39
CA PHE B 242 22.34 8.04 -23.71
C PHE B 242 22.84 6.93 -24.60
N LYS B 243 21.92 6.21 -25.28
CA LYS B 243 22.32 5.07 -26.11
C LYS B 243 23.34 5.47 -27.21
N PRO B 244 23.10 6.52 -28.03
CA PRO B 244 24.11 6.91 -29.03
C PRO B 244 25.45 7.35 -28.45
N ILE B 245 25.44 8.10 -27.32
CA ILE B 245 26.69 8.58 -26.71
C ILE B 245 27.51 7.40 -26.19
N ILE B 246 26.86 6.51 -25.42
CA ILE B 246 27.58 5.35 -24.87
C ILE B 246 28.06 4.43 -25.99
N SER B 247 27.23 4.20 -27.01
CA SER B 247 27.64 3.32 -28.13
C SER B 247 28.88 3.90 -28.83
N LYS B 248 28.95 5.24 -29.03
CA LYS B 248 30.12 5.88 -29.64
C LYS B 248 31.34 5.77 -28.73
N VAL B 249 31.15 6.01 -27.41
CA VAL B 249 32.23 5.88 -26.45
C VAL B 249 32.77 4.42 -26.51
N MET B 250 31.87 3.41 -26.53
CA MET B 250 32.31 2.00 -26.56
C MET B 250 33.14 1.69 -27.82
N GLU B 251 32.65 2.17 -28.96
CA GLU B 251 33.30 1.99 -30.28
C GLU B 251 34.69 2.62 -30.31
N MET B 252 34.81 3.88 -29.87
CA MET B 252 36.07 4.62 -29.89
C MET B 252 37.05 4.29 -28.78
N TYR B 253 36.55 4.11 -27.55
CA TYR B 253 37.40 3.88 -26.39
C TYR B 253 37.73 2.43 -26.14
N GLN B 254 36.81 1.51 -26.47
CA GLN B 254 36.96 0.05 -26.29
C GLN B 254 37.48 -0.31 -24.88
N PRO B 255 36.72 0.08 -23.83
CA PRO B 255 37.13 -0.25 -22.47
C PRO B 255 37.01 -1.75 -22.21
N SER B 256 37.70 -2.27 -21.19
CA SER B 256 37.58 -3.69 -20.86
C SER B 256 36.80 -3.89 -19.55
N ALA B 257 36.42 -2.76 -18.88
CA ALA B 257 35.61 -2.82 -17.64
C ALA B 257 34.81 -1.54 -17.57
N VAL B 258 33.63 -1.61 -16.88
CA VAL B 258 32.80 -0.41 -16.78
C VAL B 258 32.36 -0.23 -15.35
N VAL B 259 32.30 1.06 -14.90
CA VAL B 259 31.76 1.42 -13.58
C VAL B 259 30.58 2.33 -13.86
N LEU B 260 29.39 1.96 -13.36
CA LEU B 260 28.18 2.74 -13.60
C LEU B 260 27.64 3.25 -12.28
N GLN B 261 27.70 4.56 -12.10
CA GLN B 261 27.18 5.22 -10.90
C GLN B 261 25.71 5.49 -11.22
N CYS B 262 24.81 4.92 -10.40
CA CYS B 262 23.36 4.98 -10.59
C CYS B 262 22.61 5.92 -9.64
N GLY B 263 23.18 7.09 -9.36
CA GLY B 263 22.52 8.05 -8.46
C GLY B 263 21.07 8.26 -8.88
N ALA B 264 20.15 8.06 -7.92
CA ALA B 264 18.71 8.11 -8.16
C ALA B 264 18.10 9.50 -8.00
N ASP B 265 18.94 10.52 -7.78
CA ASP B 265 18.46 11.91 -7.69
C ASP B 265 18.11 12.52 -9.07
N SER B 266 18.28 11.73 -10.15
CA SER B 266 17.90 12.10 -11.51
C SER B 266 16.40 11.67 -11.75
N LEU B 267 15.71 11.06 -10.74
CA LEU B 267 14.32 10.65 -10.90
C LEU B 267 13.38 11.81 -10.67
N SER B 268 12.22 11.70 -11.31
CA SER B 268 11.14 12.68 -11.12
C SER B 268 10.78 12.70 -9.61
N GLY B 269 10.53 13.89 -9.05
CA GLY B 269 10.11 13.99 -7.65
C GLY B 269 11.20 13.96 -6.60
N ASP B 270 12.49 13.96 -7.04
CA ASP B 270 13.60 13.93 -6.08
C ASP B 270 13.59 15.21 -5.26
N ARG B 271 13.85 15.08 -3.97
CA ARG B 271 13.87 16.22 -3.05
C ARG B 271 14.84 17.32 -3.47
N LEU B 272 16.00 16.96 -4.05
N LEU B 272 16.04 16.93 -4.01
CA LEU B 272 16.99 17.95 -4.47
CA LEU B 272 17.14 17.81 -4.43
C LEU B 272 17.05 18.13 -5.99
C LEU B 272 17.33 17.97 -5.95
N GLY B 273 16.71 17.08 -6.73
CA GLY B 273 16.79 17.04 -8.19
C GLY B 273 15.63 17.67 -8.91
N CYS B 274 15.88 18.07 -10.16
CA CYS B 274 14.93 18.73 -11.02
C CYS B 274 14.77 18.03 -12.38
N PHE B 275 15.07 16.71 -12.45
CA PHE B 275 14.85 15.95 -13.66
C PHE B 275 13.47 15.28 -13.58
N ASN B 276 13.06 14.65 -14.67
CA ASN B 276 11.74 14.02 -14.75
C ASN B 276 11.78 12.58 -15.27
N LEU B 277 12.81 11.80 -14.85
CA LEU B 277 12.90 10.41 -15.30
C LEU B 277 12.06 9.52 -14.43
N THR B 278 11.57 8.42 -15.01
CA THR B 278 10.87 7.43 -14.21
C THR B 278 11.95 6.35 -13.88
N VAL B 279 11.55 5.35 -13.07
CA VAL B 279 12.45 4.23 -12.75
C VAL B 279 12.80 3.46 -14.05
N LYS B 280 11.83 3.30 -14.97
CA LYS B 280 12.10 2.64 -16.25
C LYS B 280 13.11 3.44 -17.08
N GLY B 281 12.99 4.76 -17.10
CA GLY B 281 13.92 5.58 -17.87
C GLY B 281 15.33 5.55 -17.31
N HIS B 282 15.46 5.54 -15.99
CA HIS B 282 16.76 5.51 -15.37
C HIS B 282 17.35 4.09 -15.60
N ALA B 283 16.56 3.02 -15.37
CA ALA B 283 17.05 1.64 -15.54
C ALA B 283 17.40 1.28 -16.99
N LYS B 284 16.84 2.04 -17.98
CA LYS B 284 17.19 1.84 -19.40
C LYS B 284 18.72 2.00 -19.54
N CYS B 285 19.35 2.87 -18.71
CA CYS B 285 20.80 3.09 -18.75
C CYS B 285 21.55 1.81 -18.42
N VAL B 286 21.07 1.08 -17.41
CA VAL B 286 21.70 -0.17 -17.03
C VAL B 286 21.53 -1.18 -18.17
N GLU B 287 20.31 -1.26 -18.75
CA GLU B 287 20.03 -2.19 -19.85
C GLU B 287 21.02 -1.93 -21.01
N VAL B 288 21.20 -0.66 -21.41
CA VAL B 288 22.11 -0.28 -22.48
C VAL B 288 23.54 -0.70 -22.17
N VAL B 289 24.03 -0.36 -20.96
CA VAL B 289 25.43 -0.70 -20.60
C VAL B 289 25.64 -2.21 -20.64
N LYS B 290 24.64 -2.98 -20.17
CA LYS B 290 24.72 -4.45 -20.16
C LYS B 290 24.92 -5.07 -21.55
N THR B 291 24.33 -4.47 -22.61
CA THR B 291 24.44 -5.01 -23.98
C THR B 291 25.88 -5.15 -24.47
N PHE B 292 26.83 -4.41 -23.87
CA PHE B 292 28.24 -4.46 -24.27
C PHE B 292 29.00 -5.67 -23.69
N ASN B 293 28.37 -6.43 -22.76
CA ASN B 293 28.94 -7.65 -22.15
C ASN B 293 30.33 -7.46 -21.58
N LEU B 294 30.51 -6.38 -20.82
CA LEU B 294 31.77 -6.10 -20.19
C LEU B 294 31.59 -6.22 -18.68
N PRO B 295 32.67 -6.63 -17.95
CA PRO B 295 32.62 -6.65 -16.47
C PRO B 295 32.07 -5.30 -16.01
N LEU B 296 31.07 -5.33 -15.12
CA LEU B 296 30.38 -4.11 -14.73
C LEU B 296 30.20 -3.98 -13.23
N LEU B 297 30.61 -2.83 -12.67
CA LEU B 297 30.44 -2.52 -11.25
C LEU B 297 29.32 -1.44 -11.21
N MET B 298 28.20 -1.78 -10.56
CA MET B 298 27.05 -0.88 -10.43
CA MET B 298 27.05 -0.89 -10.43
C MET B 298 27.06 -0.31 -9.02
N LEU B 299 27.06 1.02 -8.91
CA LEU B 299 27.09 1.68 -7.63
C LEU B 299 25.90 2.61 -7.44
N GLY B 300 25.70 2.97 -6.17
CA GLY B 300 24.65 3.92 -5.79
C GLY B 300 25.09 5.36 -6.03
N GLY B 301 24.67 6.25 -5.15
CA GLY B 301 25.01 7.68 -5.29
C GLY B 301 23.92 8.50 -4.61
N GLY B 302 23.53 9.62 -5.22
CA GLY B 302 22.47 10.42 -4.61
C GLY B 302 21.11 9.80 -4.72
N GLY B 303 20.09 10.51 -4.24
CA GLY B 303 18.73 9.99 -4.23
C GLY B 303 18.17 10.37 -2.88
N TYR B 304 17.24 11.33 -2.90
CA TYR B 304 16.75 11.96 -1.69
C TYR B 304 15.23 11.88 -1.43
N THR B 305 14.44 11.19 -2.31
CA THR B 305 13.01 10.86 -2.06
C THR B 305 13.17 9.36 -1.87
N ILE B 306 13.40 8.93 -0.61
CA ILE B 306 13.85 7.55 -0.32
C ILE B 306 12.93 6.44 -0.84
N ARG B 307 11.61 6.62 -0.87
CA ARG B 307 10.77 5.53 -1.44
C ARG B 307 11.12 5.30 -2.92
N ASN B 308 11.45 6.38 -3.66
CA ASN B 308 11.78 6.26 -5.09
C ASN B 308 13.17 5.68 -5.29
N VAL B 309 14.08 5.96 -4.35
CA VAL B 309 15.45 5.42 -4.38
C VAL B 309 15.31 3.89 -4.22
N ALA B 310 14.55 3.41 -3.21
CA ALA B 310 14.39 1.96 -3.01
C ALA B 310 13.79 1.30 -4.27
N ARG B 311 12.78 1.94 -4.89
CA ARG B 311 12.17 1.41 -6.12
C ARG B 311 13.23 1.28 -7.26
N CYS B 312 13.98 2.34 -7.45
CA CYS B 312 14.95 2.44 -8.52
C CYS B 312 16.00 1.36 -8.43
N TRP B 313 16.64 1.28 -7.27
CA TRP B 313 17.75 0.33 -7.08
C TRP B 313 17.24 -1.12 -7.03
N THR B 314 16.02 -1.32 -6.57
CA THR B 314 15.46 -2.68 -6.61
C THR B 314 15.24 -3.08 -8.09
N TYR B 315 14.64 -2.17 -8.89
CA TYR B 315 14.38 -2.51 -10.29
C TYR B 315 15.72 -2.70 -11.06
N GLU B 316 16.73 -1.86 -10.77
CA GLU B 316 18.05 -1.99 -11.43
C GLU B 316 18.76 -3.28 -11.07
N THR B 317 18.51 -3.77 -9.85
CA THR B 317 19.07 -5.06 -9.43
C THR B 317 18.40 -6.16 -10.29
N ALA B 318 17.05 -6.09 -10.44
CA ALA B 318 16.29 -7.03 -11.26
C ALA B 318 16.81 -6.99 -12.71
N VAL B 319 17.10 -5.77 -13.23
CA VAL B 319 17.64 -5.61 -14.59
C VAL B 319 18.98 -6.33 -14.69
N ALA B 320 19.84 -6.16 -13.66
CA ALA B 320 21.15 -6.81 -13.66
C ALA B 320 20.99 -8.34 -13.71
N LEU B 321 19.97 -8.86 -13.03
CA LEU B 321 19.67 -10.30 -12.95
C LEU B 321 18.89 -10.79 -14.17
N ASP B 322 18.51 -9.89 -15.10
CA ASP B 322 17.70 -10.27 -16.28
C ASP B 322 16.37 -10.86 -15.82
N CYS B 323 15.79 -10.24 -14.78
N CYS B 323 15.78 -10.23 -14.80
CA CYS B 323 14.55 -10.67 -14.12
CA CYS B 323 14.52 -10.62 -14.19
C CYS B 323 13.52 -9.55 -14.17
C CYS B 323 13.54 -9.50 -14.34
N GLU B 324 12.30 -9.86 -14.60
CA GLU B 324 11.25 -8.87 -14.62
C GLU B 324 10.58 -9.11 -13.24
N ILE B 325 10.14 -8.05 -12.62
CA ILE B 325 9.49 -8.17 -11.31
C ILE B 325 8.15 -7.45 -11.43
N PRO B 326 7.13 -7.89 -10.68
CA PRO B 326 5.81 -7.24 -10.81
C PRO B 326 5.77 -5.79 -10.31
N ASN B 327 4.85 -5.00 -10.88
CA ASN B 327 4.67 -3.60 -10.46
C ASN B 327 4.04 -3.57 -9.06
N GLU B 328 3.24 -4.59 -8.71
CA GLU B 328 2.60 -4.71 -7.39
C GLU B 328 3.72 -4.95 -6.36
N LEU B 329 3.94 -4.01 -5.45
CA LEU B 329 5.01 -4.21 -4.48
C LEU B 329 4.67 -5.34 -3.50
N PRO B 330 5.65 -6.21 -3.16
CA PRO B 330 5.37 -7.26 -2.17
C PRO B 330 5.31 -6.59 -0.79
N TYR B 331 4.67 -7.25 0.17
CA TYR B 331 4.69 -6.68 1.52
C TYR B 331 6.19 -6.67 1.96
N ASN B 332 6.57 -5.69 2.79
CA ASN B 332 7.93 -5.53 3.26
C ASN B 332 7.96 -4.68 4.52
N ASP B 333 9.12 -4.63 5.20
CA ASP B 333 9.27 -3.88 6.46
C ASP B 333 8.91 -2.39 6.39
N TYR B 334 8.94 -1.79 5.16
CA TYR B 334 8.69 -0.35 4.99
C TYR B 334 7.51 -0.12 4.04
N PHE B 335 6.56 -1.07 4.01
CA PHE B 335 5.44 -1.02 3.05
C PHE B 335 4.71 0.34 3.01
N GLU B 336 4.42 0.93 4.21
CA GLU B 336 3.73 2.22 4.30
C GLU B 336 4.46 3.37 3.62
N TYR B 337 5.81 3.23 3.44
CA TYR B 337 6.54 4.33 2.79
C TYR B 337 6.19 4.46 1.30
N PHE B 338 5.61 3.41 0.73
CA PHE B 338 5.31 3.33 -0.71
C PHE B 338 3.89 3.70 -1.12
N GLY B 339 3.12 4.24 -0.18
CA GLY B 339 1.80 4.70 -0.53
C GLY B 339 1.92 5.99 -1.33
N PRO B 340 0.83 6.44 -1.97
CA PRO B 340 -0.52 5.85 -1.90
C PRO B 340 -0.84 4.67 -2.79
N ASP B 341 0.01 4.42 -3.79
CA ASP B 341 -0.17 3.40 -4.82
C ASP B 341 0.43 2.01 -4.55
N PHE B 342 1.53 1.94 -3.77
CA PHE B 342 2.19 0.65 -3.47
C PHE B 342 2.62 -0.08 -4.75
N LYS B 343 3.07 0.73 -5.74
CA LYS B 343 3.59 0.19 -7.02
C LYS B 343 5.10 0.44 -7.08
N LEU B 344 5.80 -0.37 -7.89
CA LEU B 344 7.25 -0.21 -8.03
C LEU B 344 7.59 1.00 -8.92
N HIS B 345 6.89 1.09 -10.05
CA HIS B 345 7.15 2.11 -11.04
C HIS B 345 6.48 3.43 -10.71
N ILE B 346 7.11 4.51 -11.18
CA ILE B 346 6.60 5.86 -10.91
C ILE B 346 6.20 6.56 -12.20
N SER B 347 5.34 7.56 -12.06
CA SER B 347 4.89 8.34 -13.21
C SER B 347 5.69 9.63 -13.28
N PRO B 348 5.89 10.18 -14.50
CA PRO B 348 6.59 11.47 -14.59
C PRO B 348 5.64 12.60 -14.15
N SER B 349 6.18 13.78 -13.88
CA SER B 349 5.31 14.90 -13.50
C SER B 349 4.99 15.70 -14.77
N ASN B 350 4.20 16.77 -14.61
CA ASN B 350 3.83 17.69 -15.70
C ASN B 350 4.91 18.77 -15.90
N MET B 351 6.09 18.65 -15.24
CA MET B 351 7.12 19.67 -15.38
C MET B 351 7.60 19.82 -16.82
N THR B 352 7.86 21.07 -17.24
CA THR B 352 8.31 21.33 -18.60
C THR B 352 9.72 20.79 -18.77
N ASN B 353 9.99 20.15 -19.92
CA ASN B 353 11.31 19.67 -20.30
C ASN B 353 12.03 20.86 -20.96
N GLN B 354 12.96 21.48 -20.24
CA GLN B 354 13.69 22.64 -20.77
C GLN B 354 14.75 22.28 -21.82
N ASN B 355 15.03 20.97 -22.00
CA ASN B 355 15.98 20.44 -22.95
C ASN B 355 15.26 20.26 -24.26
N THR B 356 15.37 21.26 -25.13
CA THR B 356 14.70 21.14 -26.42
C THR B 356 15.34 20.07 -27.31
N PRO B 357 14.60 19.50 -28.31
CA PRO B 357 15.24 18.52 -29.21
C PRO B 357 16.48 19.05 -29.89
N GLU B 358 16.49 20.36 -30.27
CA GLU B 358 17.66 20.96 -30.94
C GLU B 358 18.83 21.11 -29.99
N TYR B 359 18.56 21.50 -28.72
CA TYR B 359 19.61 21.60 -27.70
C TYR B 359 20.29 20.22 -27.53
N MET B 360 19.49 19.15 -27.34
N MET B 360 19.50 19.16 -27.35
CA MET B 360 20.00 17.78 -27.15
CA MET B 360 20.03 17.80 -27.16
C MET B 360 20.87 17.31 -28.32
C MET B 360 20.86 17.31 -28.33
N GLU B 361 20.39 17.54 -29.58
CA GLU B 361 21.13 17.13 -30.77
C GLU B 361 22.42 17.93 -30.96
N LYS B 362 22.36 19.26 -30.70
CA LYS B 362 23.54 20.11 -30.83
C LYS B 362 24.64 19.68 -29.85
N ILE B 363 24.27 19.39 -28.58
CA ILE B 363 25.27 18.95 -27.60
C ILE B 363 25.82 17.58 -28.00
N LYS B 364 24.92 16.67 -28.40
CA LYS B 364 25.33 15.32 -28.82
C LYS B 364 26.34 15.41 -30.00
N GLN B 365 26.10 16.33 -30.92
CA GLN B 365 26.97 16.52 -32.07
C GLN B 365 28.34 17.02 -31.63
N ARG B 366 28.40 17.96 -30.68
CA ARG B 366 29.66 18.49 -30.15
C ARG B 366 30.46 17.37 -29.45
N LEU B 367 29.76 16.51 -28.66
CA LEU B 367 30.45 15.38 -28.01
C LEU B 367 30.94 14.35 -29.03
N PHE B 368 30.16 14.09 -30.10
N PHE B 368 30.16 14.09 -30.09
CA PHE B 368 30.54 13.15 -31.16
CA PHE B 368 30.54 13.15 -31.15
C PHE B 368 31.84 13.63 -31.84
C PHE B 368 31.84 13.63 -31.84
N GLU B 369 32.02 14.96 -32.00
CA GLU B 369 33.23 15.57 -32.60
C GLU B 369 34.44 15.31 -31.70
N ASN B 370 34.26 15.45 -30.38
CA ASN B 370 35.31 15.18 -29.41
C ASN B 370 35.68 13.71 -29.43
N LEU B 371 34.67 12.81 -29.53
CA LEU B 371 34.94 11.37 -29.53
C LEU B 371 35.72 10.92 -30.75
N ARG B 372 35.49 11.58 -31.89
CA ARG B 372 36.17 11.28 -33.15
C ARG B 372 37.66 11.63 -33.09
N MET B 373 38.07 12.41 -32.08
CA MET B 373 39.47 12.83 -31.84
C MET B 373 40.32 11.73 -31.17
N LEU B 374 39.69 10.63 -30.70
CA LEU B 374 40.40 9.50 -30.07
C LEU B 374 41.22 8.75 -31.14
N LYS C 9 -18.97 26.38 -29.60
CA LYS C 9 -17.59 26.61 -30.04
C LYS C 9 -16.56 25.73 -29.29
N LYS C 10 -16.99 25.05 -28.20
CA LYS C 10 -16.13 24.16 -27.40
C LYS C 10 -15.72 22.95 -28.24
N LYS C 11 -14.44 22.55 -28.16
CA LYS C 11 -13.92 21.43 -28.92
C LYS C 11 -14.26 20.09 -28.24
N VAL C 12 -14.78 19.13 -29.05
CA VAL C 12 -15.19 17.80 -28.60
C VAL C 12 -14.40 16.74 -29.36
N CYS C 13 -13.65 15.90 -28.64
CA CYS C 13 -12.88 14.79 -29.21
C CYS C 13 -13.63 13.52 -28.82
N TYR C 14 -13.85 12.63 -29.77
CA TYR C 14 -14.63 11.41 -29.56
C TYR C 14 -13.82 10.19 -29.93
N TYR C 15 -13.85 9.17 -29.05
CA TYR C 15 -13.08 7.94 -29.21
C TYR C 15 -13.93 6.76 -29.54
N TYR C 16 -13.55 6.05 -30.61
CA TYR C 16 -14.31 4.88 -31.07
C TYR C 16 -13.44 3.97 -31.92
N ASP C 17 -13.56 2.66 -31.68
CA ASP C 17 -12.88 1.62 -32.45
C ASP C 17 -13.97 0.76 -33.05
N GLY C 18 -13.95 0.62 -34.38
CA GLY C 18 -14.93 -0.16 -35.14
C GLY C 18 -15.13 -1.61 -34.75
N ASP C 19 -14.17 -2.23 -34.02
CA ASP C 19 -14.28 -3.62 -33.59
C ASP C 19 -15.02 -3.79 -32.26
N ILE C 20 -15.15 -2.69 -31.48
CA ILE C 20 -15.79 -2.72 -30.16
C ILE C 20 -17.15 -3.46 -30.18
N GLY C 21 -17.99 -3.19 -31.20
CA GLY C 21 -19.30 -3.82 -31.35
C GLY C 21 -19.30 -5.31 -31.57
N ASN C 22 -18.13 -5.89 -31.88
CA ASN C 22 -18.02 -7.33 -32.15
C ASN C 22 -17.79 -8.20 -30.91
N TYR C 23 -17.44 -7.60 -29.75
CA TYR C 23 -17.21 -8.37 -28.53
C TYR C 23 -18.52 -8.86 -27.97
N TYR C 24 -18.57 -10.15 -27.64
CA TYR C 24 -19.79 -10.78 -27.18
C TYR C 24 -19.65 -11.45 -25.83
N TYR C 25 -20.42 -10.99 -24.86
CA TYR C 25 -20.40 -11.53 -23.50
C TYR C 25 -20.99 -12.94 -23.36
N GLY C 26 -21.78 -13.37 -24.35
CA GLY C 26 -22.42 -14.68 -24.32
C GLY C 26 -23.93 -14.57 -24.38
N GLN C 27 -24.60 -15.68 -24.76
CA GLN C 27 -26.05 -15.79 -24.90
C GLN C 27 -26.75 -15.48 -23.56
N GLY C 28 -27.69 -14.55 -23.62
CA GLY C 28 -28.47 -14.14 -22.46
C GLY C 28 -27.82 -13.09 -21.57
N HIS C 29 -26.50 -12.83 -21.74
CA HIS C 29 -25.83 -11.82 -20.90
C HIS C 29 -26.35 -10.42 -21.25
N PRO C 30 -26.73 -9.61 -20.24
CA PRO C 30 -27.26 -8.26 -20.55
C PRO C 30 -26.29 -7.23 -21.15
N MET C 31 -24.97 -7.38 -20.90
CA MET C 31 -23.98 -6.43 -21.40
C MET C 31 -23.75 -6.67 -22.88
N LYS C 32 -24.13 -5.68 -23.71
CA LYS C 32 -24.02 -5.80 -25.16
C LYS C 32 -23.15 -4.73 -25.79
N PRO C 33 -21.84 -5.00 -26.04
CA PRO C 33 -20.98 -3.97 -26.66
C PRO C 33 -21.51 -3.44 -28.00
N HIS C 34 -22.38 -4.20 -28.70
CA HIS C 34 -23.03 -3.77 -29.96
C HIS C 34 -23.77 -2.42 -29.74
N ARG C 35 -24.23 -2.12 -28.50
CA ARG C 35 -24.88 -0.83 -28.20
C ARG C 35 -23.97 0.38 -28.54
N ILE C 36 -22.62 0.22 -28.47
N ILE C 36 -22.62 0.22 -28.46
CA ILE C 36 -21.66 1.30 -28.77
CA ILE C 36 -21.67 1.30 -28.75
C ILE C 36 -21.68 1.59 -30.27
C ILE C 36 -21.67 1.60 -30.27
N ARG C 37 -21.73 0.54 -31.10
CA ARG C 37 -21.76 0.65 -32.57
C ARG C 37 -23.10 1.30 -33.01
N MET C 38 -24.21 0.91 -32.34
CA MET C 38 -25.55 1.46 -32.56
C MET C 38 -25.53 2.95 -32.29
N THR C 39 -24.89 3.37 -31.16
CA THR C 39 -24.77 4.77 -30.78
C THR C 39 -23.97 5.54 -31.83
N HIS C 40 -22.80 4.99 -32.24
CA HIS C 40 -21.91 5.59 -33.23
C HIS C 40 -22.64 5.79 -34.58
N ASN C 41 -23.35 4.77 -35.04
CA ASN C 41 -24.06 4.85 -36.32
C ASN C 41 -25.16 5.94 -36.28
N LEU C 42 -25.91 6.03 -35.16
CA LEU C 42 -26.98 7.01 -34.98
C LEU C 42 -26.38 8.41 -35.03
N LEU C 43 -25.26 8.64 -34.29
CA LEU C 43 -24.52 9.89 -34.25
C LEU C 43 -24.02 10.34 -35.60
N LEU C 44 -23.48 9.39 -36.40
CA LEU C 44 -22.97 9.68 -37.75
C LEU C 44 -24.12 10.14 -38.65
N ASN C 45 -25.27 9.45 -38.56
CA ASN C 45 -26.46 9.75 -39.36
C ASN C 45 -27.15 11.07 -38.98
N TYR C 46 -26.85 11.61 -37.78
CA TYR C 46 -27.39 12.90 -37.35
C TYR C 46 -26.45 14.02 -37.83
N GLY C 47 -25.31 13.63 -38.39
CA GLY C 47 -24.28 14.52 -38.91
C GLY C 47 -23.36 15.12 -37.87
N LEU C 48 -23.40 14.60 -36.63
CA LEU C 48 -22.61 15.08 -35.50
C LEU C 48 -21.08 14.85 -35.66
N TYR C 49 -20.66 13.99 -36.63
CA TYR C 49 -19.25 13.72 -36.94
C TYR C 49 -18.57 14.94 -37.59
N ARG C 50 -19.37 15.82 -38.23
CA ARG C 50 -18.90 17.02 -38.91
C ARG C 50 -18.46 18.09 -37.90
N LYS C 51 -18.96 17.99 -36.65
CA LYS C 51 -18.68 18.94 -35.58
C LYS C 51 -17.63 18.48 -34.55
N MET C 52 -17.18 17.21 -34.62
CA MET C 52 -16.19 16.71 -33.65
C MET C 52 -15.05 15.91 -34.28
N GLU C 53 -13.89 15.88 -33.59
CA GLU C 53 -12.74 15.13 -34.05
C GLU C 53 -12.89 13.69 -33.57
N ILE C 54 -12.99 12.74 -34.52
CA ILE C 54 -13.16 11.33 -34.20
C ILE C 54 -11.81 10.61 -34.27
N TYR C 55 -11.41 9.95 -33.16
CA TYR C 55 -10.14 9.23 -33.05
C TYR C 55 -10.35 7.75 -32.76
N ARG C 56 -9.45 6.92 -33.29
CA ARG C 56 -9.46 5.48 -33.04
C ARG C 56 -8.50 5.34 -31.86
N PRO C 57 -8.95 4.83 -30.69
CA PRO C 57 -8.03 4.75 -29.55
C PRO C 57 -7.01 3.63 -29.66
N HIS C 58 -5.83 3.86 -29.11
CA HIS C 58 -4.74 2.88 -29.06
C HIS C 58 -5.19 1.86 -28.00
N LYS C 59 -4.78 0.61 -28.14
CA LYS C 59 -5.10 -0.43 -27.16
C LYS C 59 -4.20 -0.15 -25.93
N ALA C 60 -4.80 0.01 -24.74
CA ALA C 60 -4.02 0.25 -23.50
C ALA C 60 -3.16 -0.98 -23.25
N THR C 61 -1.88 -0.81 -22.89
CA THR C 61 -1.03 -1.99 -22.66
C THR C 61 -1.34 -2.62 -21.29
N ALA C 62 -0.92 -3.87 -21.10
CA ALA C 62 -1.05 -4.60 -19.84
C ALA C 62 -0.29 -3.79 -18.76
N GLU C 63 0.88 -3.21 -19.12
CA GLU C 63 1.71 -2.41 -18.19
C GLU C 63 0.95 -1.18 -17.70
N GLU C 64 0.26 -0.48 -18.62
CA GLU C 64 -0.58 0.69 -18.31
C GLU C 64 -1.66 0.26 -17.30
N MET C 65 -2.30 -0.92 -17.51
CA MET C 65 -3.33 -1.36 -16.58
C MET C 65 -2.80 -1.61 -15.18
N THR C 66 -1.51 -2.03 -15.06
CA THR C 66 -0.92 -2.31 -13.74
C THR C 66 -0.55 -1.04 -12.96
N LYS C 67 -0.84 0.16 -13.51
CA LYS C 67 -0.67 1.39 -12.74
C LYS C 67 -1.68 1.33 -11.59
N TYR C 68 -2.75 0.54 -11.77
CA TYR C 68 -3.77 0.38 -10.72
C TYR C 68 -3.99 -1.08 -10.36
N HIS C 69 -4.36 -1.90 -11.35
CA HIS C 69 -4.66 -3.30 -11.11
C HIS C 69 -3.42 -4.11 -10.75
N SER C 70 -3.64 -5.21 -10.03
CA SER C 70 -2.51 -6.07 -9.64
C SER C 70 -1.96 -6.83 -10.87
N ASP C 71 -0.66 -7.17 -10.86
CA ASP C 71 -0.05 -7.91 -11.98
C ASP C 71 -0.68 -9.28 -12.17
N GLU C 72 -0.94 -10.01 -11.05
CA GLU C 72 -1.53 -11.35 -11.13
C GLU C 72 -2.91 -11.27 -11.78
N TYR C 73 -3.70 -10.23 -11.44
CA TYR C 73 -5.03 -10.09 -12.03
C TYR C 73 -4.94 -9.78 -13.55
N ILE C 74 -4.08 -8.82 -13.95
CA ILE C 74 -3.92 -8.46 -15.37
C ILE C 74 -3.36 -9.65 -16.16
N LYS C 75 -2.40 -10.39 -15.56
CA LYS C 75 -1.81 -11.57 -16.21
C LYS C 75 -2.92 -12.61 -16.44
N PHE C 76 -3.82 -12.76 -15.44
CA PHE C 76 -4.94 -13.69 -15.56
C PHE C 76 -5.87 -13.24 -16.73
N LEU C 77 -6.25 -11.93 -16.79
CA LEU C 77 -7.12 -11.43 -17.88
C LEU C 77 -6.52 -11.67 -19.25
N ARG C 78 -5.18 -11.56 -19.36
CA ARG C 78 -4.43 -11.75 -20.62
C ARG C 78 -4.38 -13.20 -21.06
N SER C 79 -4.41 -14.13 -20.10
CA SER C 79 -4.23 -15.57 -20.27
C SER C 79 -5.47 -16.41 -20.37
N ILE C 80 -6.53 -16.06 -19.63
CA ILE C 80 -7.75 -16.86 -19.61
C ILE C 80 -8.45 -16.90 -21.01
N ARG C 81 -8.97 -18.08 -21.35
CA ARG C 81 -9.64 -18.31 -22.62
C ARG C 81 -10.81 -19.25 -22.35
N PRO C 82 -11.89 -19.22 -23.17
CA PRO C 82 -13.00 -20.16 -22.93
C PRO C 82 -12.58 -21.63 -22.88
N ASP C 83 -11.54 -22.03 -23.64
CA ASP C 83 -11.10 -23.44 -23.67
C ASP C 83 -10.00 -23.82 -22.64
N ASN C 84 -9.65 -22.92 -21.67
CA ASN C 84 -8.62 -23.28 -20.67
C ASN C 84 -9.08 -23.03 -19.23
N MET C 85 -10.36 -22.67 -19.04
CA MET C 85 -10.94 -22.37 -17.73
C MET C 85 -10.72 -23.44 -16.65
N SER C 86 -10.70 -24.74 -17.03
CA SER C 86 -10.47 -25.86 -16.11
C SER C 86 -9.13 -25.74 -15.36
N GLU C 87 -8.10 -25.19 -16.03
CA GLU C 87 -6.74 -24.96 -15.50
C GLU C 87 -6.68 -23.73 -14.59
N TYR C 88 -7.70 -22.84 -14.67
CA TYR C 88 -7.72 -21.59 -13.90
C TYR C 88 -8.84 -21.48 -12.87
N SER C 89 -9.44 -22.61 -12.42
CA SER C 89 -10.55 -22.60 -11.45
C SER C 89 -10.26 -21.79 -10.17
N LYS C 90 -9.07 -21.94 -9.57
CA LYS C 90 -8.69 -21.19 -8.36
C LYS C 90 -8.59 -19.67 -8.66
N GLN C 91 -7.95 -19.29 -9.77
CA GLN C 91 -7.82 -17.87 -10.14
C GLN C 91 -9.18 -17.27 -10.50
N MET C 92 -10.08 -18.08 -11.10
CA MET C 92 -11.43 -17.57 -11.43
C MET C 92 -12.17 -17.18 -10.14
N GLN C 93 -12.06 -17.99 -9.08
CA GLN C 93 -12.67 -17.67 -7.79
C GLN C 93 -11.98 -16.44 -7.18
N ARG C 94 -10.62 -16.40 -7.23
CA ARG C 94 -9.87 -15.26 -6.68
C ARG C 94 -10.23 -13.93 -7.32
N PHE C 95 -10.40 -13.94 -8.65
CA PHE C 95 -10.64 -12.72 -9.41
C PHE C 95 -12.11 -12.48 -9.80
N ASN C 96 -13.03 -13.35 -9.32
CA ASN C 96 -14.49 -13.24 -9.59
C ASN C 96 -14.85 -13.25 -11.09
N VAL C 97 -14.21 -14.16 -11.85
CA VAL C 97 -14.46 -14.27 -13.29
C VAL C 97 -15.07 -15.63 -13.58
N GLY C 98 -16.10 -15.68 -14.43
CA GLY C 98 -16.74 -16.93 -14.80
C GLY C 98 -18.25 -16.94 -14.96
N GLU C 99 -18.96 -16.03 -14.25
CA GLU C 99 -20.43 -15.98 -14.30
C GLU C 99 -20.95 -14.59 -14.66
N ASP C 100 -21.04 -13.68 -13.69
CA ASP C 100 -21.47 -12.29 -13.90
C ASP C 100 -20.50 -11.61 -14.86
N CYS C 101 -19.20 -11.95 -14.74
CA CYS C 101 -18.12 -11.43 -15.55
C CYS C 101 -17.54 -12.65 -16.26
N PRO C 102 -18.14 -13.06 -17.41
CA PRO C 102 -17.68 -14.28 -18.06
C PRO C 102 -16.36 -14.17 -18.82
N VAL C 103 -15.86 -15.34 -19.20
CA VAL C 103 -14.69 -15.45 -20.03
C VAL C 103 -15.26 -15.52 -21.45
N PHE C 104 -14.88 -14.57 -22.30
CA PHE C 104 -15.31 -14.57 -23.69
C PHE C 104 -14.12 -14.34 -24.63
N ASP C 105 -14.27 -14.68 -25.93
CA ASP C 105 -13.20 -14.47 -26.92
C ASP C 105 -12.88 -12.98 -27.05
N GLY C 106 -11.59 -12.66 -26.95
CA GLY C 106 -11.11 -11.28 -27.08
C GLY C 106 -11.37 -10.42 -25.85
N LEU C 107 -11.67 -11.05 -24.70
CA LEU C 107 -11.92 -10.35 -23.42
C LEU C 107 -10.83 -9.30 -23.16
N PHE C 108 -9.55 -9.69 -23.25
CA PHE C 108 -8.45 -8.77 -23.00
C PHE C 108 -8.42 -7.60 -23.95
N GLU C 109 -8.61 -7.86 -25.26
CA GLU C 109 -8.62 -6.79 -26.25
C GLU C 109 -9.78 -5.82 -26.00
N PHE C 110 -10.95 -6.35 -25.58
CA PHE C 110 -12.11 -5.51 -25.25
C PHE C 110 -11.70 -4.52 -24.14
N CYS C 111 -11.03 -5.02 -23.09
CA CYS C 111 -10.51 -4.17 -21.99
C CYS C 111 -9.51 -3.14 -22.49
N GLN C 112 -8.63 -3.54 -23.43
CA GLN C 112 -7.61 -2.63 -23.95
C GLN C 112 -8.22 -1.46 -24.72
N LEU C 113 -9.29 -1.71 -25.47
CA LEU C 113 -9.95 -0.67 -26.29
C LEU C 113 -10.78 0.25 -25.41
N SER C 114 -11.57 -0.36 -24.48
CA SER C 114 -12.40 0.39 -23.52
C SER C 114 -11.47 1.34 -22.74
N THR C 115 -10.37 0.78 -22.18
CA THR C 115 -9.39 1.56 -21.42
C THR C 115 -8.63 2.56 -22.28
N GLY C 116 -8.20 2.15 -23.47
CA GLY C 116 -7.44 3.02 -24.39
C GLY C 116 -8.13 4.33 -24.68
N GLY C 117 -9.45 4.28 -24.90
CA GLY C 117 -10.25 5.47 -25.17
C GLY C 117 -10.30 6.44 -24.00
N SER C 118 -10.48 5.91 -22.77
CA SER C 118 -10.55 6.77 -21.58
C SER C 118 -9.20 7.45 -21.30
N VAL C 119 -8.09 6.67 -21.36
CA VAL C 119 -6.77 7.22 -21.11
C VAL C 119 -6.38 8.23 -22.23
N ALA C 120 -6.66 7.90 -23.52
CA ALA C 120 -6.34 8.82 -24.62
C ALA C 120 -7.09 10.16 -24.43
N GLY C 121 -8.34 10.07 -23.99
CA GLY C 121 -9.16 11.24 -23.70
C GLY C 121 -8.53 12.08 -22.62
N ALA C 122 -8.08 11.43 -21.52
CA ALA C 122 -7.42 12.15 -20.42
C ALA C 122 -6.14 12.85 -20.90
N VAL C 123 -5.34 12.15 -21.75
CA VAL C 123 -4.10 12.72 -22.29
C VAL C 123 -4.44 13.99 -23.10
N LYS C 124 -5.50 13.92 -23.93
CA LYS C 124 -5.93 15.03 -24.80
C LYS C 124 -6.36 16.25 -23.97
N LEU C 125 -7.03 16.01 -22.83
CA LEU C 125 -7.46 17.08 -21.91
C LEU C 125 -6.24 17.66 -21.19
N ASN C 126 -5.31 16.80 -20.77
CA ASN C 126 -4.07 17.23 -20.10
C ASN C 126 -3.23 18.15 -21.00
N ARG C 127 -3.10 17.79 -22.29
CA ARG C 127 -2.34 18.51 -23.32
C ARG C 127 -3.06 19.81 -23.77
N GLN C 128 -4.31 20.06 -23.27
CA GLN C 128 -5.15 21.23 -23.59
C GLN C 128 -5.46 21.32 -25.10
N GLN C 129 -5.64 20.14 -25.71
CA GLN C 129 -5.94 19.97 -27.14
C GLN C 129 -7.44 19.83 -27.39
N THR C 130 -8.25 19.74 -26.30
CA THR C 130 -9.72 19.62 -26.35
C THR C 130 -10.35 20.11 -25.06
N ASP C 131 -11.65 20.47 -25.11
CA ASP C 131 -12.43 20.93 -23.97
C ASP C 131 -13.16 19.72 -23.36
N MET C 132 -13.62 18.82 -24.24
CA MET C 132 -14.35 17.60 -23.93
C MET C 132 -13.79 16.43 -24.71
N ALA C 133 -13.77 15.26 -24.07
CA ALA C 133 -13.35 13.99 -24.63
C ALA C 133 -14.46 12.99 -24.27
N VAL C 134 -14.87 12.18 -25.25
CA VAL C 134 -15.97 11.23 -25.11
C VAL C 134 -15.52 9.82 -25.43
N ASN C 135 -15.84 8.87 -24.54
CA ASN C 135 -15.54 7.46 -24.76
C ASN C 135 -16.71 6.63 -24.27
N TRP C 136 -17.69 6.35 -25.15
CA TRP C 136 -18.86 5.58 -24.76
C TRP C 136 -18.55 4.10 -24.41
N ALA C 137 -17.35 3.61 -24.82
CA ALA C 137 -16.93 2.23 -24.52
C ALA C 137 -16.35 2.12 -23.10
N GLY C 138 -16.11 3.26 -22.46
CA GLY C 138 -15.55 3.34 -21.11
C GLY C 138 -16.62 3.44 -20.05
N GLY C 139 -16.21 3.83 -18.83
CA GLY C 139 -17.14 3.97 -17.70
C GLY C 139 -17.40 2.68 -16.93
N LEU C 140 -16.45 1.72 -16.99
CA LEU C 140 -16.64 0.42 -16.34
C LEU C 140 -16.24 0.49 -14.87
N HIS C 141 -17.08 1.24 -14.13
CA HIS C 141 -16.87 1.66 -12.76
C HIS C 141 -16.80 0.57 -11.67
N HIS C 142 -17.23 -0.68 -11.92
CA HIS C 142 -17.20 -1.68 -10.83
C HIS C 142 -15.88 -2.45 -10.72
N ALA C 143 -15.02 -2.41 -11.76
CA ALA C 143 -13.76 -3.18 -11.66
C ALA C 143 -12.90 -2.73 -10.47
N LYS C 144 -12.34 -3.71 -9.72
CA LYS C 144 -11.48 -3.47 -8.55
C LYS C 144 -10.01 -3.79 -8.84
N LYS C 145 -9.11 -3.48 -7.88
CA LYS C 145 -7.67 -3.70 -8.08
C LYS C 145 -7.36 -5.11 -8.59
N SER C 146 -7.93 -6.13 -7.93
CA SER C 146 -7.66 -7.52 -8.28
C SER C 146 -8.95 -8.31 -8.34
N GLU C 147 -10.01 -7.71 -8.93
CA GLU C 147 -11.27 -8.40 -9.01
C GLU C 147 -12.16 -7.82 -10.11
N ALA C 148 -12.77 -8.71 -10.92
CA ALA C 148 -13.76 -8.30 -11.92
C ALA C 148 -15.07 -8.19 -11.13
N SER C 149 -15.97 -7.30 -11.57
CA SER C 149 -17.23 -7.16 -10.86
C SER C 149 -18.26 -6.47 -11.75
N GLY C 150 -19.51 -6.90 -11.64
CA GLY C 150 -20.61 -6.24 -12.35
C GLY C 150 -20.37 -5.91 -13.81
N PHE C 151 -19.86 -6.92 -14.57
CA PHE C 151 -19.60 -6.84 -16.03
C PHE C 151 -18.36 -6.00 -16.41
N CYS C 152 -17.60 -5.51 -15.40
CA CYS C 152 -16.42 -4.67 -15.58
C CYS C 152 -15.15 -5.45 -15.20
N TYR C 153 -14.11 -5.37 -16.03
CA TYR C 153 -12.88 -6.14 -15.71
C TYR C 153 -11.72 -5.20 -15.41
N VAL C 154 -11.55 -4.17 -16.23
CA VAL C 154 -10.48 -3.17 -16.07
C VAL C 154 -11.17 -1.83 -15.82
N ASN C 155 -10.73 -1.17 -14.74
CA ASN C 155 -11.33 0.11 -14.39
C ASN C 155 -10.72 1.25 -15.19
N ASP C 156 -11.28 1.48 -16.40
CA ASP C 156 -10.80 2.53 -17.27
C ASP C 156 -10.90 3.91 -16.63
N ILE C 157 -11.93 4.11 -15.78
CA ILE C 157 -12.13 5.41 -15.13
C ILE C 157 -10.95 5.72 -14.19
N VAL C 158 -10.59 4.77 -13.31
CA VAL C 158 -9.48 5.00 -12.38
C VAL C 158 -8.18 5.29 -13.15
N LEU C 159 -7.93 4.52 -14.23
CA LEU C 159 -6.72 4.72 -15.04
C LEU C 159 -6.72 6.10 -15.72
N ALA C 160 -7.90 6.55 -16.21
CA ALA C 160 -8.00 7.89 -16.84
C ALA C 160 -7.80 8.97 -15.78
N ILE C 161 -8.34 8.75 -14.56
CA ILE C 161 -8.19 9.73 -13.48
C ILE C 161 -6.72 9.82 -13.04
N LEU C 162 -6.02 8.67 -12.95
CA LEU C 162 -4.59 8.69 -12.58
C LEU C 162 -3.83 9.55 -13.61
N GLU C 163 -4.22 9.46 -14.89
CA GLU C 163 -3.59 10.27 -15.94
C GLU C 163 -3.91 11.79 -15.74
N LEU C 164 -5.18 12.13 -15.41
CA LEU C 164 -5.57 13.53 -15.18
C LEU C 164 -4.84 14.12 -14.00
N LEU C 165 -4.59 13.31 -12.98
CA LEU C 165 -3.89 13.72 -11.76
C LEU C 165 -2.45 14.20 -11.98
N LYS C 166 -1.87 13.88 -13.15
CA LYS C 166 -0.51 14.35 -13.47
C LYS C 166 -0.54 15.87 -13.75
N TYR C 167 -1.69 16.40 -14.25
CA TYR C 167 -1.84 17.81 -14.64
C TYR C 167 -2.89 18.58 -13.84
N HIS C 168 -3.73 17.87 -13.07
CA HIS C 168 -4.81 18.48 -12.30
C HIS C 168 -4.70 18.17 -10.82
N GLN C 169 -4.69 19.19 -9.98
CA GLN C 169 -4.59 19.02 -8.53
C GLN C 169 -5.81 18.30 -7.95
N ARG C 170 -7.02 18.70 -8.41
CA ARG C 170 -8.29 18.15 -7.94
C ARG C 170 -9.11 17.72 -9.13
N VAL C 171 -9.62 16.48 -9.09
CA VAL C 171 -10.45 15.89 -10.15
C VAL C 171 -11.79 15.51 -9.52
N LEU C 172 -12.91 15.88 -10.17
CA LEU C 172 -14.24 15.54 -9.68
C LEU C 172 -14.79 14.42 -10.54
N TYR C 173 -15.26 13.35 -9.90
CA TYR C 173 -15.86 12.22 -10.61
C TYR C 173 -17.35 12.21 -10.23
N ILE C 174 -18.24 12.18 -11.23
CA ILE C 174 -19.70 12.15 -11.04
C ILE C 174 -20.22 10.91 -11.77
N ASP C 175 -21.05 10.14 -11.08
CA ASP C 175 -21.57 8.89 -11.60
C ASP C 175 -23.09 8.83 -11.55
N ILE C 176 -23.75 8.89 -12.75
CA ILE C 176 -25.23 8.86 -12.86
C ILE C 176 -25.75 7.50 -13.31
N ASP C 177 -24.84 6.51 -13.34
CA ASP C 177 -25.24 5.13 -13.63
C ASP C 177 -26.19 4.75 -12.47
N ILE C 178 -27.14 3.82 -12.67
CA ILE C 178 -28.06 3.45 -11.57
C ILE C 178 -27.33 2.74 -10.40
N HIS C 179 -26.16 2.14 -10.68
CA HIS C 179 -25.39 1.41 -9.68
C HIS C 179 -24.33 2.32 -9.05
N HIS C 180 -23.99 2.03 -7.78
CA HIS C 180 -22.97 2.77 -7.04
C HIS C 180 -21.63 2.62 -7.74
N GLY C 181 -20.91 3.72 -7.95
CA GLY C 181 -19.59 3.68 -8.58
C GLY C 181 -18.53 3.22 -7.57
N ASP C 182 -18.68 1.98 -7.07
CA ASP C 182 -17.85 1.42 -6.01
C ASP C 182 -16.36 1.31 -6.34
N GLY C 183 -16.01 0.82 -7.54
CA GLY C 183 -14.59 0.67 -7.86
C GLY C 183 -13.81 1.97 -7.89
N VAL C 184 -14.46 3.04 -8.38
CA VAL C 184 -13.85 4.39 -8.45
C VAL C 184 -13.78 4.98 -7.05
N GLU C 185 -14.90 4.86 -6.31
CA GLU C 185 -14.92 5.38 -4.95
C GLU C 185 -13.80 4.73 -4.10
N GLU C 186 -13.66 3.40 -4.21
CA GLU C 186 -12.66 2.67 -3.43
C GLU C 186 -11.24 3.09 -3.83
N ALA C 187 -10.97 3.23 -5.13
CA ALA C 187 -9.61 3.64 -5.57
C ALA C 187 -9.17 4.96 -4.92
N PHE C 188 -10.13 5.93 -4.80
CA PHE C 188 -9.80 7.25 -4.28
C PHE C 188 -10.36 7.54 -2.87
N TYR C 189 -10.76 6.50 -2.15
CA TYR C 189 -11.40 6.67 -0.83
C TYR C 189 -10.59 7.46 0.20
N THR C 190 -9.24 7.37 0.14
CA THR C 190 -8.45 8.05 1.17
C THR C 190 -7.69 9.27 0.63
N THR C 191 -8.13 9.83 -0.51
CA THR C 191 -7.49 11.03 -1.05
C THR C 191 -8.49 12.16 -1.23
N ASP C 192 -7.99 13.37 -1.06
CA ASP C 192 -8.76 14.59 -1.27
C ASP C 192 -8.47 15.11 -2.69
N ARG C 193 -7.59 14.41 -3.44
CA ARG C 193 -7.28 14.84 -4.81
C ARG C 193 -8.33 14.40 -5.83
N VAL C 194 -9.24 13.49 -5.42
CA VAL C 194 -10.34 13.05 -6.27
C VAL C 194 -11.58 13.02 -5.38
N MET C 195 -12.63 13.75 -5.77
CA MET C 195 -13.88 13.70 -5.03
C MET C 195 -14.80 12.82 -5.90
N THR C 196 -15.44 11.82 -5.30
CA THR C 196 -16.34 10.93 -6.05
C THR C 196 -17.75 11.22 -5.60
N VAL C 197 -18.68 11.39 -6.57
CA VAL C 197 -20.09 11.67 -6.27
C VAL C 197 -20.92 10.65 -7.02
N SER C 198 -21.62 9.79 -6.32
CA SER C 198 -22.45 8.78 -6.99
C SER C 198 -23.92 8.91 -6.59
N PHE C 199 -24.80 8.86 -7.59
CA PHE C 199 -26.28 8.86 -7.42
C PHE C 199 -26.68 7.47 -7.82
N HIS C 200 -27.38 6.73 -6.96
CA HIS C 200 -27.69 5.33 -7.29
C HIS C 200 -28.79 4.75 -6.50
N LYS C 201 -29.36 3.67 -7.03
CA LYS C 201 -30.36 2.88 -6.33
C LYS C 201 -29.60 2.15 -5.20
N TYR C 202 -30.15 2.23 -3.99
CA TYR C 202 -29.55 1.59 -2.82
C TYR C 202 -30.62 0.79 -2.06
N GLY C 203 -30.25 -0.40 -1.59
CA GLY C 203 -31.11 -1.30 -0.83
C GLY C 203 -31.53 -2.50 -1.63
N GLU C 204 -31.09 -3.72 -1.20
CA GLU C 204 -31.36 -5.01 -1.87
C GLU C 204 -31.05 -4.83 -3.37
N TYR C 205 -29.87 -4.26 -3.65
CA TYR C 205 -29.46 -3.97 -5.01
C TYR C 205 -27.94 -3.97 -5.16
N PHE C 206 -27.47 -4.49 -6.29
CA PHE C 206 -26.03 -4.56 -6.57
C PHE C 206 -25.42 -3.15 -6.64
N PRO C 207 -24.17 -2.94 -6.16
CA PRO C 207 -23.25 -3.89 -5.49
C PRO C 207 -23.43 -3.99 -3.97
N GLY C 208 -24.36 -3.22 -3.41
CA GLY C 208 -24.61 -3.25 -1.97
C GLY C 208 -23.96 -2.15 -1.15
N THR C 209 -23.13 -1.33 -1.79
CA THR C 209 -22.40 -0.23 -1.16
C THR C 209 -22.98 1.15 -1.54
N GLY C 210 -22.32 2.21 -1.09
CA GLY C 210 -22.75 3.56 -1.39
C GLY C 210 -23.80 4.06 -0.43
N ASP C 211 -23.64 3.72 0.86
CA ASP C 211 -24.53 4.17 1.92
C ASP C 211 -24.28 5.66 2.12
N LEU C 212 -25.31 6.40 2.58
CA LEU C 212 -25.19 7.82 2.87
C LEU C 212 -23.98 8.10 3.81
N ARG C 213 -23.71 7.16 4.74
CA ARG C 213 -22.62 7.28 5.73
C ARG C 213 -21.20 7.05 5.19
N ASP C 214 -21.07 6.59 3.94
CA ASP C 214 -19.74 6.33 3.32
C ASP C 214 -19.26 7.64 2.73
N ILE C 215 -18.41 8.35 3.49
CA ILE C 215 -17.93 9.68 3.14
C ILE C 215 -16.40 9.76 2.93
N GLY C 216 -15.72 8.61 2.90
CA GLY C 216 -14.27 8.65 2.73
C GLY C 216 -13.51 8.46 4.03
N ALA C 217 -12.18 8.32 3.93
CA ALA C 217 -11.36 8.11 5.15
C ALA C 217 -10.02 8.80 5.03
N GLY C 218 -9.36 9.03 6.15
CA GLY C 218 -8.08 9.72 6.16
C GLY C 218 -8.22 11.11 5.57
N LYS C 219 -7.28 11.51 4.69
CA LYS C 219 -7.34 12.81 4.02
C LYS C 219 -8.56 12.89 3.08
N GLY C 220 -9.13 11.73 2.73
CA GLY C 220 -10.28 11.65 1.84
C GLY C 220 -11.61 11.78 2.58
N LYS C 221 -11.56 11.95 3.93
CA LYS C 221 -12.83 12.11 4.69
C LYS C 221 -13.54 13.37 4.18
N TYR C 222 -14.82 13.18 3.77
CA TYR C 222 -15.74 14.16 3.19
C TYR C 222 -15.52 14.31 1.68
N TYR C 223 -14.62 13.49 1.08
CA TYR C 223 -14.37 13.57 -0.36
C TYR C 223 -15.00 12.40 -1.13
N ALA C 224 -15.95 11.67 -0.50
CA ALA C 224 -16.73 10.62 -1.16
C ALA C 224 -18.16 11.02 -0.82
N VAL C 225 -19.02 11.13 -1.83
CA VAL C 225 -20.40 11.57 -1.69
C VAL C 225 -21.33 10.52 -2.29
N ASN C 226 -22.31 10.09 -1.51
CA ASN C 226 -23.27 9.09 -1.97
C ASN C 226 -24.68 9.56 -1.75
N PHE C 227 -25.51 9.46 -2.79
CA PHE C 227 -26.93 9.83 -2.72
C PHE C 227 -27.70 8.54 -3.02
N PRO C 228 -28.02 7.77 -1.97
CA PRO C 228 -28.77 6.52 -2.19
C PRO C 228 -30.25 6.82 -2.51
N MET C 229 -30.78 6.14 -3.50
CA MET C 229 -32.18 6.35 -3.95
C MET C 229 -33.00 5.07 -3.96
N ARG C 230 -34.33 5.23 -3.96
CA ARG C 230 -35.26 4.10 -4.04
C ARG C 230 -35.76 4.00 -5.49
N ASP C 231 -36.55 2.96 -5.81
CA ASP C 231 -37.10 2.79 -7.17
C ASP C 231 -37.95 3.99 -7.63
N GLY C 232 -38.08 4.12 -8.94
CA GLY C 232 -38.94 5.10 -9.61
C GLY C 232 -38.61 6.57 -9.65
N ILE C 233 -37.36 6.98 -9.35
CA ILE C 233 -37.03 8.40 -9.44
C ILE C 233 -37.32 8.91 -10.84
N ASP C 234 -37.91 10.12 -10.94
CA ASP C 234 -38.27 10.71 -12.24
C ASP C 234 -37.43 11.94 -12.53
N ASP C 235 -37.57 12.50 -13.75
CA ASP C 235 -36.81 13.69 -14.18
C ASP C 235 -36.83 14.86 -13.21
N GLU C 236 -38.03 15.30 -12.78
CA GLU C 236 -38.13 16.44 -11.86
C GLU C 236 -37.41 16.20 -10.52
N SER C 237 -37.66 15.03 -9.87
CA SER C 237 -37.07 14.65 -8.58
C SER C 237 -35.55 14.55 -8.69
N TYR C 238 -35.06 13.90 -9.76
CA TYR C 238 -33.61 13.75 -9.99
C TYR C 238 -32.95 15.09 -10.26
N GLY C 239 -33.52 15.88 -11.17
CA GLY C 239 -32.99 17.20 -11.53
C GLY C 239 -32.91 18.17 -10.38
N GLN C 240 -33.91 18.12 -9.46
CA GLN C 240 -33.97 19.01 -8.28
C GLN C 240 -32.95 18.59 -7.21
N ILE C 241 -32.34 17.41 -7.37
CA ILE C 241 -31.32 16.93 -6.44
C ILE C 241 -29.92 17.09 -7.06
N PHE C 242 -29.79 16.72 -8.35
CA PHE C 242 -28.54 16.78 -9.07
C PHE C 242 -27.94 18.19 -9.14
N LYS C 243 -28.70 19.20 -9.64
CA LYS C 243 -28.17 20.55 -9.78
C LYS C 243 -27.71 21.20 -8.44
N PRO C 244 -28.51 21.23 -7.33
CA PRO C 244 -28.01 21.85 -6.09
C PRO C 244 -26.79 21.10 -5.50
N ILE C 245 -26.79 19.75 -5.55
CA ILE C 245 -25.67 18.96 -5.01
C ILE C 245 -24.37 19.27 -5.81
N ILE C 246 -24.40 19.13 -7.15
CA ILE C 246 -23.23 19.39 -8.01
C ILE C 246 -22.77 20.84 -7.88
N SER C 247 -23.71 21.81 -7.85
CA SER C 247 -23.33 23.22 -7.69
C SER C 247 -22.59 23.44 -6.36
N LYS C 248 -23.04 22.81 -5.27
CA LYS C 248 -22.37 22.95 -3.97
C LYS C 248 -21.01 22.25 -4.01
N VAL C 249 -20.94 21.06 -4.67
CA VAL C 249 -19.66 20.33 -4.81
C VAL C 249 -18.65 21.23 -5.56
N MET C 250 -19.08 21.86 -6.68
CA MET C 250 -18.23 22.75 -7.49
C MET C 250 -17.68 23.92 -6.68
N GLU C 251 -18.56 24.56 -5.88
CA GLU C 251 -18.27 25.70 -5.01
C GLU C 251 -17.22 25.35 -3.95
N MET C 252 -17.45 24.27 -3.20
CA MET C 252 -16.61 23.79 -2.10
C MET C 252 -15.32 23.11 -2.54
N TYR C 253 -15.38 22.28 -3.58
CA TYR C 253 -14.22 21.50 -4.04
C TYR C 253 -13.35 22.20 -5.09
N GLN C 254 -13.94 23.06 -5.95
CA GLN C 254 -13.22 23.79 -6.99
C GLN C 254 -12.29 22.87 -7.82
N PRO C 255 -12.84 21.84 -8.51
CA PRO C 255 -11.96 20.95 -9.27
C PRO C 255 -11.43 21.61 -10.55
N SER C 256 -10.33 21.08 -11.12
CA SER C 256 -9.80 21.64 -12.36
C SER C 256 -10.15 20.75 -13.55
N ALA C 257 -10.70 19.54 -13.28
CA ALA C 257 -11.15 18.62 -14.33
C ALA C 257 -12.29 17.78 -13.80
N VAL C 258 -13.16 17.30 -14.72
CA VAL C 258 -14.33 16.52 -14.33
C VAL C 258 -14.43 15.26 -15.16
N VAL C 259 -14.85 14.15 -14.53
CA VAL C 259 -15.10 12.89 -15.23
C VAL C 259 -16.55 12.57 -14.94
N LEU C 260 -17.36 12.45 -15.99
CA LEU C 260 -18.77 12.15 -15.86
C LEU C 260 -19.07 10.80 -16.47
N GLN C 261 -19.45 9.83 -15.61
CA GLN C 261 -19.84 8.49 -16.03
C GLN C 261 -21.36 8.60 -16.30
N CYS C 262 -21.77 8.36 -17.57
CA CYS C 262 -23.15 8.50 -18.05
C CYS C 262 -23.91 7.19 -18.24
N GLY C 263 -23.70 6.21 -17.34
CA GLY C 263 -24.38 4.92 -17.38
C GLY C 263 -25.86 5.15 -17.65
N ALA C 264 -26.38 4.51 -18.73
CA ALA C 264 -27.76 4.68 -19.20
C ALA C 264 -28.78 3.73 -18.58
N ASP C 265 -28.36 2.93 -17.59
CA ASP C 265 -29.26 2.02 -16.90
C ASP C 265 -30.16 2.73 -15.89
N SER C 266 -30.01 4.07 -15.76
CA SER C 266 -30.83 4.94 -14.90
C SER C 266 -32.06 5.43 -15.71
N LEU C 267 -32.15 5.02 -16.98
CA LEU C 267 -33.27 5.37 -17.87
C LEU C 267 -34.50 4.51 -17.61
N SER C 268 -35.70 5.08 -17.83
CA SER C 268 -36.97 4.36 -17.71
C SER C 268 -36.92 3.21 -18.73
N GLY C 269 -37.42 2.03 -18.33
CA GLY C 269 -37.47 0.85 -19.19
C GLY C 269 -36.18 0.06 -19.30
N ASP C 270 -35.14 0.39 -18.48
CA ASP C 270 -33.89 -0.37 -18.55
C ASP C 270 -34.14 -1.81 -18.07
N ARG C 271 -33.54 -2.80 -18.76
CA ARG C 271 -33.65 -4.23 -18.42
C ARG C 271 -33.30 -4.58 -16.96
N LEU C 272 -32.25 -3.95 -16.42
CA LEU C 272 -31.80 -4.25 -15.04
C LEU C 272 -32.13 -3.14 -14.05
N GLY C 273 -32.35 -1.93 -14.55
CA GLY C 273 -32.64 -0.74 -13.77
C GLY C 273 -34.10 -0.53 -13.40
N CYS C 274 -34.34 0.22 -12.30
CA CYS C 274 -35.67 0.53 -11.77
C CYS C 274 -35.93 2.05 -11.56
N PHE C 275 -35.22 2.90 -12.34
CA PHE C 275 -35.39 4.34 -12.32
C PHE C 275 -36.37 4.72 -13.45
N ASN C 276 -36.90 5.93 -13.42
CA ASN C 276 -37.87 6.39 -14.42
C ASN C 276 -37.43 7.68 -15.10
N LEU C 277 -36.14 7.80 -15.44
CA LEU C 277 -35.65 8.99 -16.11
C LEU C 277 -35.87 8.89 -17.63
N THR C 278 -36.02 10.03 -18.32
CA THR C 278 -36.12 10.05 -19.78
C THR C 278 -34.73 10.43 -20.28
N VAL C 279 -34.50 10.40 -21.60
CA VAL C 279 -33.22 10.80 -22.19
C VAL C 279 -32.97 12.28 -21.83
N LYS C 280 -34.04 13.11 -21.82
CA LYS C 280 -33.92 14.53 -21.47
C LYS C 280 -33.47 14.74 -20.03
N GLY C 281 -34.03 13.97 -19.10
CA GLY C 281 -33.72 14.03 -17.68
C GLY C 281 -32.31 13.56 -17.40
N HIS C 282 -31.90 12.48 -18.09
CA HIS C 282 -30.54 11.93 -17.98
C HIS C 282 -29.53 12.98 -18.56
N ALA C 283 -29.78 13.51 -19.78
CA ALA C 283 -28.91 14.50 -20.43
C ALA C 283 -28.82 15.84 -19.74
N LYS C 284 -29.81 16.19 -18.89
CA LYS C 284 -29.80 17.45 -18.13
C LYS C 284 -28.54 17.47 -17.22
N CYS C 285 -28.10 16.27 -16.76
CA CYS C 285 -26.89 16.13 -15.94
C CYS C 285 -25.67 16.61 -16.72
N VAL C 286 -25.60 16.25 -18.03
CA VAL C 286 -24.51 16.67 -18.89
C VAL C 286 -24.55 18.21 -19.06
N GLU C 287 -25.77 18.78 -19.25
CA GLU C 287 -25.97 20.22 -19.41
C GLU C 287 -25.48 20.95 -18.17
N VAL C 288 -25.87 20.48 -16.97
CA VAL C 288 -25.49 21.07 -15.69
C VAL C 288 -23.96 21.11 -15.53
N VAL C 289 -23.29 19.95 -15.75
CA VAL C 289 -21.82 19.85 -15.63
C VAL C 289 -21.12 20.84 -16.61
N LYS C 290 -21.60 20.92 -17.85
CA LYS C 290 -21.05 21.82 -18.89
C LYS C 290 -21.00 23.31 -18.50
N THR C 291 -21.99 23.79 -17.70
CA THR C 291 -22.08 25.20 -17.27
C THR C 291 -20.87 25.66 -16.47
N PHE C 292 -20.13 24.71 -15.85
CA PHE C 292 -18.95 25.05 -15.04
C PHE C 292 -17.69 25.31 -15.86
N ASN C 293 -17.74 25.04 -17.18
CA ASN C 293 -16.65 25.29 -18.13
C ASN C 293 -15.31 24.66 -17.73
N LEU C 294 -15.35 23.40 -17.31
CA LEU C 294 -14.14 22.69 -16.91
C LEU C 294 -13.79 21.57 -17.89
N PRO C 295 -12.48 21.22 -18.08
CA PRO C 295 -12.14 20.07 -18.95
C PRO C 295 -12.97 18.87 -18.50
N LEU C 296 -13.63 18.21 -19.46
CA LEU C 296 -14.57 17.14 -19.16
C LEU C 296 -14.38 15.88 -19.96
N LEU C 297 -14.33 14.76 -19.23
CA LEU C 297 -14.24 13.44 -19.85
C LEU C 297 -15.58 12.78 -19.63
N MET C 298 -16.29 12.50 -20.74
CA MET C 298 -17.62 11.86 -20.67
C MET C 298 -17.47 10.40 -21.05
N LEU C 299 -17.93 9.50 -20.17
CA LEU C 299 -17.82 8.06 -20.37
C LEU C 299 -19.15 7.34 -20.33
N GLY C 300 -19.15 6.12 -20.86
CA GLY C 300 -20.30 5.23 -20.88
C GLY C 300 -20.51 4.57 -19.52
N GLY C 301 -20.99 3.35 -19.54
CA GLY C 301 -21.27 2.59 -18.33
C GLY C 301 -22.35 1.58 -18.61
N GLY C 302 -23.27 1.43 -17.67
CA GLY C 302 -24.38 0.49 -17.84
C GLY C 302 -25.37 0.97 -18.89
N GLY C 303 -26.42 0.19 -19.08
CA GLY C 303 -27.46 0.48 -20.06
C GLY C 303 -27.73 -0.82 -20.76
N TYR C 304 -28.89 -1.43 -20.48
CA TYR C 304 -29.23 -2.77 -20.92
C TYR C 304 -30.48 -2.86 -21.85
N THR C 305 -31.12 -1.71 -22.20
CA THR C 305 -32.19 -1.64 -23.21
C THR C 305 -31.46 -0.84 -24.30
N ILE C 306 -30.74 -1.55 -25.17
CA ILE C 306 -29.79 -1.00 -26.13
C ILE C 306 -30.37 0.10 -27.04
N ARG C 307 -31.65 0.05 -27.47
CA ARG C 307 -32.19 1.15 -28.31
C ARG C 307 -32.19 2.49 -27.53
N ASN C 308 -32.48 2.42 -26.21
CA ASN C 308 -32.52 3.58 -25.30
C ASN C 308 -31.10 4.04 -24.96
N VAL C 309 -30.13 3.11 -24.94
CA VAL C 309 -28.71 3.48 -24.70
C VAL C 309 -28.23 4.28 -25.91
N ALA C 310 -28.54 3.80 -27.15
CA ALA C 310 -28.13 4.52 -28.36
C ALA C 310 -28.75 5.92 -28.41
N ARG C 311 -30.04 6.05 -28.04
CA ARG C 311 -30.71 7.36 -28.02
C ARG C 311 -30.03 8.30 -27.03
N CYS C 312 -29.85 7.81 -25.79
CA CYS C 312 -29.23 8.56 -24.68
C CYS C 312 -27.86 9.12 -25.01
N TRP C 313 -26.91 8.24 -25.40
CA TRP C 313 -25.56 8.69 -25.68
C TRP C 313 -25.47 9.54 -26.97
N THR C 314 -26.39 9.34 -27.92
CA THR C 314 -26.46 10.17 -29.12
C THR C 314 -26.84 11.58 -28.69
N TYR C 315 -27.91 11.72 -27.91
CA TYR C 315 -28.39 13.02 -27.42
C TYR C 315 -27.35 13.72 -26.52
N GLU C 316 -26.63 12.93 -25.69
CA GLU C 316 -25.60 13.48 -24.81
C GLU C 316 -24.39 13.99 -25.56
N THR C 317 -24.05 13.36 -26.70
CA THR C 317 -22.95 13.82 -27.56
C THR C 317 -23.43 15.13 -28.21
N ALA C 318 -24.73 15.23 -28.57
CA ALA C 318 -25.29 16.44 -29.18
C ALA C 318 -25.25 17.57 -28.15
N VAL C 319 -25.57 17.24 -26.85
CA VAL C 319 -25.51 18.20 -25.74
C VAL C 319 -24.06 18.71 -25.62
N ALA C 320 -23.05 17.79 -25.70
CA ALA C 320 -21.63 18.16 -25.63
C ALA C 320 -21.24 19.16 -26.75
N LEU C 321 -21.79 18.98 -27.96
CA LEU C 321 -21.52 19.83 -29.12
C LEU C 321 -22.41 21.10 -29.17
N ASP C 322 -23.36 21.25 -28.20
CA ASP C 322 -24.33 22.36 -28.13
C ASP C 322 -25.11 22.43 -29.47
N CYS C 323 -25.63 21.26 -29.88
CA CYS C 323 -26.37 21.06 -31.12
C CYS C 323 -27.76 20.48 -30.84
N GLU C 324 -28.81 21.21 -31.27
CA GLU C 324 -30.21 20.80 -31.09
C GLU C 324 -30.63 19.83 -32.21
N ILE C 325 -30.49 18.52 -31.97
CA ILE C 325 -30.84 17.52 -33.00
C ILE C 325 -32.35 17.21 -33.02
N PRO C 326 -32.94 16.99 -34.24
CA PRO C 326 -34.39 16.71 -34.31
C PRO C 326 -34.83 15.42 -33.64
N ASN C 327 -36.08 15.41 -33.11
CA ASN C 327 -36.68 14.26 -32.44
C ASN C 327 -36.93 13.10 -33.41
N GLU C 328 -37.01 13.39 -34.70
CA GLU C 328 -37.25 12.37 -35.72
C GLU C 328 -35.91 11.75 -36.00
N LEU C 329 -35.77 10.44 -35.74
CA LEU C 329 -34.51 9.73 -35.97
C LEU C 329 -34.17 9.70 -37.45
N PRO C 330 -32.90 9.96 -37.82
CA PRO C 330 -32.54 9.88 -39.25
C PRO C 330 -32.44 8.42 -39.65
N TYR C 331 -32.32 8.16 -40.95
CA TYR C 331 -32.18 6.77 -41.36
C TYR C 331 -30.82 6.28 -40.86
N ASN C 332 -30.72 5.02 -40.46
CA ASN C 332 -29.47 4.43 -39.97
C ASN C 332 -29.48 2.89 -40.12
N ASP C 333 -28.29 2.23 -39.95
CA ASP C 333 -28.12 0.78 -40.06
C ASP C 333 -28.97 -0.05 -39.08
N TYR C 334 -29.54 0.60 -38.04
CA TYR C 334 -30.34 -0.08 -37.01
C TYR C 334 -31.74 0.55 -36.87
N PHE C 335 -32.19 1.28 -37.91
CA PHE C 335 -33.48 1.99 -37.94
C PHE C 335 -34.63 1.19 -37.33
N GLU C 336 -34.78 -0.09 -37.73
CA GLU C 336 -35.84 -0.98 -37.26
C GLU C 336 -35.88 -1.20 -35.73
N TYR C 337 -34.71 -1.08 -35.05
CA TYR C 337 -34.59 -1.26 -33.58
C TYR C 337 -35.34 -0.16 -32.82
N PHE C 338 -35.57 0.99 -33.48
CA PHE C 338 -36.21 2.15 -32.87
C PHE C 338 -37.72 2.26 -33.07
N GLY C 339 -38.33 1.22 -33.64
CA GLY C 339 -39.76 1.16 -33.90
C GLY C 339 -40.63 1.10 -32.66
N PRO C 340 -41.94 1.42 -32.77
CA PRO C 340 -42.69 1.80 -33.97
C PRO C 340 -42.82 3.31 -34.24
N ASP C 341 -42.42 4.17 -33.28
CA ASP C 341 -42.54 5.62 -33.44
C ASP C 341 -41.28 6.29 -34.02
N PHE C 342 -40.12 5.60 -33.98
CA PHE C 342 -38.82 6.06 -34.52
C PHE C 342 -38.43 7.47 -34.07
N LYS C 343 -38.61 7.75 -32.77
CA LYS C 343 -38.27 9.03 -32.15
C LYS C 343 -37.02 8.91 -31.28
N LEU C 344 -36.29 10.02 -31.11
CA LEU C 344 -35.07 10.09 -30.30
C LEU C 344 -35.43 10.06 -28.81
N HIS C 345 -36.40 10.89 -28.41
CA HIS C 345 -36.80 10.99 -27.01
C HIS C 345 -37.78 9.91 -26.62
N ILE C 346 -37.78 9.55 -25.31
CA ILE C 346 -38.65 8.52 -24.76
C ILE C 346 -39.61 9.09 -23.71
N SER C 347 -40.68 8.35 -23.43
CA SER C 347 -41.66 8.73 -22.45
C SER C 347 -41.42 7.95 -21.16
N PRO C 348 -41.61 8.58 -19.97
CA PRO C 348 -41.46 7.82 -18.72
C PRO C 348 -42.61 6.80 -18.58
N SER C 349 -42.46 5.85 -17.65
CA SER C 349 -43.48 4.85 -17.37
C SER C 349 -44.40 5.39 -16.25
N ASN C 350 -45.45 4.63 -15.87
CA ASN C 350 -46.39 5.00 -14.81
C ASN C 350 -45.92 4.51 -13.44
N MET C 351 -44.73 3.86 -13.38
CA MET C 351 -44.16 3.33 -12.14
C MET C 351 -44.14 4.39 -11.02
N THR C 352 -44.40 3.95 -9.79
CA THR C 352 -44.45 4.89 -8.66
C THR C 352 -43.04 5.29 -8.20
N ASN C 353 -42.87 6.59 -7.91
CA ASN C 353 -41.63 7.14 -7.40
C ASN C 353 -41.63 6.86 -5.89
N GLN C 354 -40.78 5.92 -5.45
CA GLN C 354 -40.70 5.51 -4.04
C GLN C 354 -39.87 6.47 -3.18
N ASN C 355 -39.29 7.51 -3.79
CA ASN C 355 -38.48 8.52 -3.13
C ASN C 355 -39.44 9.62 -2.69
N THR C 356 -39.85 9.61 -1.44
CA THR C 356 -40.77 10.64 -0.93
C THR C 356 -40.03 11.98 -0.83
N PRO C 357 -40.73 13.13 -0.92
CA PRO C 357 -40.06 14.43 -0.74
C PRO C 357 -39.31 14.52 0.61
N GLU C 358 -39.86 13.92 1.69
CA GLU C 358 -39.21 13.93 3.01
C GLU C 358 -37.84 13.18 2.91
N TYR C 359 -37.85 12.00 2.29
CA TYR C 359 -36.64 11.18 2.12
C TYR C 359 -35.57 11.96 1.36
N MET C 360 -35.97 12.56 0.22
CA MET C 360 -35.05 13.35 -0.63
C MET C 360 -34.43 14.53 0.10
N GLU C 361 -35.25 15.31 0.83
CA GLU C 361 -34.82 16.48 1.59
C GLU C 361 -33.83 16.09 2.70
N LYS C 362 -34.09 14.98 3.42
CA LYS C 362 -33.21 14.52 4.51
C LYS C 362 -31.81 14.14 3.95
N ILE C 363 -31.79 13.46 2.79
CA ILE C 363 -30.50 13.07 2.17
C ILE C 363 -29.76 14.32 1.73
N LYS C 364 -30.46 15.23 1.02
CA LYS C 364 -29.85 16.47 0.55
C LYS C 364 -29.29 17.29 1.71
N GLN C 365 -30.06 17.37 2.82
CA GLN C 365 -29.66 18.10 4.03
C GLN C 365 -28.31 17.56 4.52
N ARG C 366 -28.24 16.23 4.70
CA ARG C 366 -27.03 15.54 5.17
C ARG C 366 -25.84 15.80 4.25
N LEU C 367 -26.04 15.75 2.92
CA LEU C 367 -24.95 15.98 1.96
C LEU C 367 -24.43 17.40 2.06
N PHE C 368 -25.33 18.39 2.18
CA PHE C 368 -24.92 19.78 2.32
C PHE C 368 -24.10 19.98 3.60
N GLU C 369 -24.48 19.31 4.69
CA GLU C 369 -23.78 19.35 5.98
C GLU C 369 -22.34 18.80 5.77
N ASN C 370 -22.22 17.65 5.05
CA ASN C 370 -20.91 17.06 4.76
C ASN C 370 -20.05 17.94 3.86
N LEU C 371 -20.68 18.58 2.84
CA LEU C 371 -19.97 19.49 1.93
C LEU C 371 -19.42 20.73 2.66
N ARG C 372 -20.10 21.16 3.74
N ARG C 372 -20.10 21.16 3.75
CA ARG C 372 -19.68 22.31 4.54
CA ARG C 372 -19.70 22.30 4.57
C ARG C 372 -18.41 22.02 5.36
C ARG C 372 -18.41 22.01 5.34
N MET C 373 -18.09 20.72 5.56
CA MET C 373 -16.90 20.26 6.30
C MET C 373 -15.59 20.41 5.48
N LEU C 374 -15.68 20.62 4.14
CA LEU C 374 -14.50 20.78 3.27
C LEU C 374 -13.66 21.99 3.70
ZN ZN D . 0.44 -8.75 24.23
CA CA E . -3.23 -9.65 18.26
CA CA F . -6.89 -22.39 11.11
C ACT G . 0.73 -10.69 25.79
O ACT G . 0.52 -10.81 24.59
OXT ACT G . 1.11 -9.64 26.29
CH3 ACT G . 0.53 -11.91 26.77
C1 PEG H . -2.18 -17.83 46.48
O1 PEG H . -3.21 -17.47 47.39
C2 PEG H . -1.01 -16.90 46.57
O2 PEG H . 0.08 -17.37 45.80
C3 PEG H . 1.35 -17.08 46.40
C4 PEG H . 2.03 -18.35 46.84
O4 PEG H . 3.12 -18.10 47.72
C1 PEG I . 0.00 6.73 39.77
O1 PEG I . -0.24 6.86 41.16
C2 PEG I . -1.02 7.46 38.95
O2 PEG I . -0.73 7.28 37.58
C3 PEG I . -0.56 8.49 36.86
C4 PEG I . 0.89 8.68 36.50
O4 PEG I . 1.14 9.98 36.00
C1 PEG J . -0.17 -5.37 44.97
O1 PEG J . 0.27 -4.19 45.62
C2 PEG J . 0.88 -6.43 45.02
O2 PEG J . 0.42 -7.62 44.39
C3 PEG J . 0.35 -8.73 45.27
C4 PEG J . 1.33 -9.78 44.86
O4 PEG J . 2.66 -9.32 44.97
O1 YEM K . 11.38 -9.96 23.47
C18 YEM K . 11.35 -10.82 24.34
C19 YEM K . 12.42 -11.91 24.48
C21 YEM K . 13.58 -11.80 23.45
N4 YEM K . 13.14 -13.18 22.85
C22 YEM K . 14.14 -14.29 22.93
C20 YEM K . 11.95 -13.24 23.84
N3 YEM K . 10.39 -10.89 25.28
C13 YEM K . 9.24 -9.99 25.31
C14 YEM K . 7.98 -10.79 25.63
C15 YEM K . 6.72 -9.96 25.65
C16 YEM K . 5.51 -10.80 25.92
C17 YEM K . 4.26 -10.02 25.88
C11 YEM K . 9.51 -8.99 26.39
N1 YEM K . 9.98 -9.28 27.64
N2 YEM K . 9.29 -7.70 26.27
C12 YEM K . 9.63 -7.16 27.48
C10 YEM K . 10.07 -8.12 28.37
C7 YEM K . 10.51 -7.99 29.77
C6 YEM K . 10.81 -9.14 30.46
C4 YEM K . 11.24 -9.06 31.81
C5 YEM K . 11.52 -10.20 32.60
C YEM K . 11.93 -10.07 33.90
C8 YEM K . 10.69 -6.78 30.47
O YEM K . 10.37 -5.70 29.72
C9 YEM K . 10.49 -4.42 30.34
N YEM K . 11.10 -6.63 31.70
C3 YEM K . 11.38 -7.78 32.39
C2 YEM K . 11.80 -7.67 33.74
C1 YEM K . 12.06 -8.81 34.47
ZN ZN L . 23.55 13.65 -6.85
CA CA M . 26.08 12.66 -13.40
CA CA N . 40.30 10.67 -18.02
C ACT O . 25.04 13.01 -4.84
O ACT O . 25.61 13.26 -5.91
OXT ACT O . 23.86 13.29 -4.65
CH3 ACT O . 25.85 12.39 -3.65
C1 PEG P . 4.13 23.71 -12.95
O1 PEG P . 2.94 23.21 -12.38
C2 PEG P . 4.52 22.95 -14.18
O2 PEG P . 3.61 23.22 -15.23
C3 PEG P . 4.23 23.24 -16.50
C4 PEG P . 3.48 24.14 -17.44
O4 PEG P . 3.48 25.48 -16.98
C1 PEG Q . 25.39 1.80 14.08
O1 PEG Q . 26.12 0.84 13.34
C2 PEG Q . 25.65 3.19 13.63
O2 PEG Q . 25.17 4.12 14.60
C3 PEG Q . 26.20 4.59 15.47
C4 PEG Q . 25.63 5.13 16.73
O4 PEG Q . 26.64 5.48 17.67
O1 YEM R . 24.93 23.58 -2.54
C18 YEM R . 25.55 23.14 -1.58
C19 YEM R . 26.49 24.01 -0.75
C21 YEM R . 27.93 23.96 -1.31
N4 YEM R . 27.89 25.52 -1.48
C22 YEM R . 28.78 26.33 -0.60
C20 YEM R . 26.39 25.51 -1.09
N3 YEM R . 25.47 21.87 -1.16
C13 YEM R . 24.59 20.90 -1.80
C14 YEM R . 25.31 19.56 -1.93
C15 YEM R . 24.49 18.49 -2.62
C16 YEM R . 25.24 17.19 -2.74
C17 YEM R . 24.48 16.23 -3.56
C11 YEM R . 23.33 20.81 -1.02
N1 YEM R . 23.25 20.71 0.35
N2 YEM R . 22.13 20.77 -1.56
C12 YEM R . 21.27 20.64 -0.50
C10 YEM R . 21.93 20.60 0.70
C7 YEM R . 21.42 20.44 2.07
C6 YEM R . 22.34 20.27 3.08
C4 YEM R . 21.92 20.15 4.43
C5 YEM R . 22.81 19.95 5.51
C YEM R . 22.33 19.82 6.78
C8 YEM R . 20.08 20.49 2.48
O YEM R . 19.23 20.65 1.44
C9 YEM R . 17.82 20.64 1.73
N YEM R . 19.61 20.40 3.69
C3 YEM R . 20.53 20.22 4.69
C2 YEM R . 20.08 20.08 6.03
C1 YEM R . 20.97 19.89 7.04
ZN ZN S . -25.07 0.23 -13.86
CA CA T . -11.93 10.72 -2.53
CA CA U . -24.17 5.93 -9.86
C ACT V . -23.04 -1.05 -14.74
O ACT V . -24.16 -1.27 -15.28
OXT ACT V . -22.90 -0.35 -13.72
CH3 ACT V . -21.77 -1.71 -15.37
C1 PEG W . 0.37 17.40 -9.65
O1 PEG W . 0.02 17.59 -8.29
C2 PEG W . -0.63 18.00 -10.58
O2 PEG W . -0.83 19.37 -10.26
C3 PEG W . -0.67 20.25 -11.35
C4 PEG W . 0.15 21.42 -10.94
O4 PEG W . 0.38 22.32 -12.01
O1 YEM X . -26.42 -9.18 -8.48
C18 YEM X . -25.43 -9.63 -9.06
C19 YEM X . -24.60 -10.77 -8.49
C21 YEM X . -25.43 -11.80 -7.69
N4 YEM X . -24.57 -11.49 -6.42
C22 YEM X . -23.70 -12.61 -5.95
C20 YEM X . -23.86 -10.33 -7.19
N3 YEM X . -24.99 -9.19 -10.24
C13 YEM X . -25.61 -8.08 -10.96
C14 YEM X . -24.53 -7.20 -11.60
C15 YEM X . -25.09 -5.99 -12.31
C16 YEM X . -23.99 -5.04 -12.73
C17 YEM X . -24.47 -4.03 -13.67
C11 YEM X . -26.53 -8.64 -11.99
N1 YEM X . -26.21 -9.68 -12.85
N2 YEM X . -27.74 -8.20 -12.23
C12 YEM X . -28.21 -8.97 -13.25
C10 YEM X . -27.29 -9.90 -13.67
C7 YEM X . -27.36 -10.88 -14.77
C6 YEM X . -26.21 -11.58 -15.06
C4 YEM X . -26.21 -12.55 -16.08
C5 YEM X . -25.06 -13.30 -16.45
C YEM X . -25.12 -14.22 -17.46
C8 YEM X . -28.49 -11.20 -15.56
O YEM X . -29.59 -10.49 -15.26
C9 YEM X . -30.77 -10.75 -16.02
N YEM X . -28.57 -12.08 -16.50
C3 YEM X . -27.42 -12.78 -16.78
C2 YEM X . -27.44 -13.75 -17.82
C1 YEM X . -26.30 -14.45 -18.15
#